data_4ZPM
#
_entry.id   4ZPM
#
_cell.length_a   24.990
_cell.length_b   97.130
_cell.length_c   147.680
_cell.angle_alpha   90.00
_cell.angle_beta   94.18
_cell.angle_gamma   90.00
#
_symmetry.space_group_name_H-M   'P 1 21 1'
#
loop_
_entity.id
_entity.type
_entity.pdbx_description
1 polymer 'Protein Pcdhac2'
2 non-polymer alpha-D-mannopyranose
3 non-polymer 2-acetamido-2-deoxy-beta-D-glucopyranose
4 non-polymer 'CALCIUM ION'
5 water water
#
_entity_poly.entity_id   1
_entity_poly.type   'polypeptide(L)'
_entity_poly.pdbx_seq_one_letter_code
;QLRYSVPEEQSPGALVGNVARALGLELRRLGPGCLRINHLGAPSPRYLELDLTNGALFVNERIDREALCEQRPRCLLSLE
VLAHNPVAVSAIEVEILDINDNSPRFPRPDYQLQVSESVAPGARFHIESAQDPDVGANSVQTYELSPSEHFELDLKPLQE
NSKVLELVLRKGLDREQTALHYLVLTAVDGGIPARSGTAQIAVRVLDTNDNSPAFDQSTYRVQLREDAPPGTLVVKLNAS
DPDEGSNGELRYSLSSYTSDRERQLFSIDVTTGEVRVSGTLDYEESSSYQIYVQATDRGPVPMAGHCKVLVDIIDVNDHH
HHHHHH
;
_entity_poly.pdbx_strand_id   A,B
#
loop_
_chem_comp.id
_chem_comp.type
_chem_comp.name
_chem_comp.formula
CA non-polymer 'CALCIUM ION' 'Ca 2'
MAN D-saccharide, alpha linking alpha-D-mannopyranose 'C6 H12 O6'
NAG D-saccharide, beta linking 2-acetamido-2-deoxy-beta-D-glucopyranose 'C8 H15 N O6'
#
# COMPACT_ATOMS: atom_id res chain seq x y z
N GLN A 1 -26.26 10.99 22.85
CA GLN A 1 -25.46 12.18 22.56
C GLN A 1 -25.55 12.53 21.07
N LEU A 2 -24.82 13.57 20.68
CA LEU A 2 -24.61 13.83 19.27
C LEU A 2 -23.39 13.06 18.82
N ARG A 3 -23.52 12.35 17.70
CA ARG A 3 -22.45 11.52 17.17
C ARG A 3 -22.09 11.71 15.71
N TYR A 4 -20.79 11.78 15.47
CA TYR A 4 -20.21 11.89 14.13
C TYR A 4 -19.13 10.83 13.93
N SER A 5 -18.94 10.43 12.67
CA SER A 5 -17.86 9.52 12.34
C SER A 5 -16.89 10.18 11.38
N VAL A 6 -15.64 10.31 11.82
CA VAL A 6 -14.59 10.91 11.01
C VAL A 6 -13.50 9.90 10.70
N PRO A 7 -13.20 9.69 9.41
CA PRO A 7 -12.07 8.84 9.05
C PRO A 7 -10.75 9.49 9.45
N GLU A 8 -9.80 8.69 9.91
CA GLU A 8 -8.50 9.19 10.34
C GLU A 8 -7.70 9.78 9.17
N GLU A 9 -6.70 10.58 9.50
CA GLU A 9 -5.68 11.05 8.55
C GLU A 9 -6.21 11.97 7.44
N GLN A 10 -7.37 12.57 7.64
CA GLN A 10 -7.83 13.60 6.71
C GLN A 10 -7.05 14.89 6.92
N SER A 11 -6.78 15.59 5.84
CA SER A 11 -6.08 16.86 5.95
C SER A 11 -7.01 17.86 6.62
N PRO A 12 -6.45 18.83 7.36
CA PRO A 12 -7.22 19.87 8.04
C PRO A 12 -8.15 20.62 7.10
N GLY A 13 -9.32 21.02 7.60
CA GLY A 13 -10.29 21.74 6.79
C GLY A 13 -11.45 20.87 6.34
N ALA A 14 -11.31 19.56 6.54
CA ALA A 14 -12.36 18.60 6.22
C ALA A 14 -13.55 18.75 7.17
N LEU A 15 -14.76 18.65 6.63
CA LEU A 15 -15.97 18.89 7.41
C LEU A 15 -16.41 17.65 8.17
N VAL A 16 -16.65 17.83 9.47
CA VAL A 16 -17.16 16.76 10.33
C VAL A 16 -18.68 16.80 10.38
N GLY A 17 -19.23 17.95 10.75
CA GLY A 17 -20.66 18.10 10.90
C GLY A 17 -21.08 19.54 11.10
N ASN A 18 -22.37 19.80 11.03
CA ASN A 18 -22.89 21.11 11.40
C ASN A 18 -23.39 21.02 12.84
N VAL A 19 -22.54 21.47 13.76
CA VAL A 19 -22.83 21.39 15.19
C VAL A 19 -23.95 22.33 15.63
N ALA A 20 -23.94 23.56 15.12
CA ALA A 20 -24.91 24.56 15.52
C ALA A 20 -26.33 24.14 15.17
N ARG A 21 -26.52 23.67 13.95
CA ARG A 21 -27.84 23.22 13.51
C ARG A 21 -28.28 21.96 14.26
N ALA A 22 -27.35 21.05 14.47
CA ALA A 22 -27.65 19.78 15.13
C ALA A 22 -28.08 20.00 16.58
N LEU A 23 -27.44 20.94 17.27
CA LEU A 23 -27.72 21.17 18.68
C LEU A 23 -28.70 22.32 18.87
N GLY A 24 -29.14 22.92 17.76
CA GLY A 24 -30.04 24.05 17.80
C GLY A 24 -29.45 25.23 18.56
N LEU A 25 -28.19 25.54 18.28
CA LEU A 25 -27.51 26.64 18.95
C LEU A 25 -27.32 27.84 18.01
N GLU A 26 -27.86 28.98 18.41
CA GLU A 26 -27.61 30.22 17.68
C GLU A 26 -26.13 30.59 17.79
N LEU A 27 -25.56 31.07 16.69
CA LEU A 27 -24.13 31.36 16.63
C LEU A 27 -23.71 32.41 17.67
N ARG A 28 -24.63 33.30 18.01
CA ARG A 28 -24.35 34.33 19.02
C ARG A 28 -24.08 33.70 20.39
N ARG A 29 -24.61 32.50 20.60
CA ARG A 29 -24.40 31.79 21.85
C ARG A 29 -23.04 31.09 21.90
N LEU A 30 -22.38 31.02 20.75
CA LEU A 30 -21.05 30.43 20.68
C LEU A 30 -19.98 31.51 20.59
N GLY A 31 -18.83 31.25 21.20
CA GLY A 31 -17.75 32.23 21.24
C GLY A 31 -16.42 31.53 21.39
N PRO A 32 -15.34 32.31 21.50
CA PRO A 32 -13.99 31.75 21.70
C PRO A 32 -13.90 30.90 22.96
N GLY A 33 -13.36 29.69 22.83
CA GLY A 33 -13.17 28.82 23.98
C GLY A 33 -14.36 27.94 24.31
N CYS A 34 -15.32 27.88 23.39
CA CYS A 34 -16.56 27.15 23.64
C CYS A 34 -16.46 25.65 23.34
N LEU A 35 -15.33 25.21 22.80
CA LEU A 35 -15.13 23.81 22.47
C LEU A 35 -14.07 23.12 23.34
N ARG A 36 -14.49 22.08 24.05
CA ARG A 36 -13.59 21.27 24.87
C ARG A 36 -13.41 19.90 24.25
N ILE A 37 -12.18 19.39 24.27
CA ILE A 37 -11.86 18.10 23.66
C ILE A 37 -11.22 17.12 24.65
N ASN A 38 -11.81 15.93 24.77
CA ASN A 38 -11.31 14.92 25.71
C ASN A 38 -11.09 13.55 25.06
N HIS A 39 -10.02 12.88 25.47
CA HIS A 39 -9.78 11.48 25.10
C HIS A 39 -9.43 10.66 26.34
N LEU A 40 -10.15 9.55 26.51
CA LEU A 40 -9.95 8.65 27.66
C LEU A 40 -10.11 9.38 28.99
N GLY A 41 -10.99 10.38 29.02
CA GLY A 41 -11.28 11.11 30.23
C GLY A 41 -10.26 12.18 30.56
N ALA A 42 -9.34 12.42 29.64
CA ALA A 42 -8.31 13.43 29.82
C ALA A 42 -8.31 14.40 28.64
N PRO A 43 -7.89 15.66 28.87
CA PRO A 43 -7.90 16.62 27.76
C PRO A 43 -6.90 16.26 26.68
N SER A 44 -7.19 16.63 25.44
CA SER A 44 -6.38 16.24 24.29
C SER A 44 -6.16 17.43 23.35
N PRO A 45 -5.17 17.34 22.45
CA PRO A 45 -4.91 18.40 21.46
C PRO A 45 -6.13 18.74 20.60
N ARG A 46 -6.08 19.89 19.94
CA ARG A 46 -7.19 20.34 19.10
C ARG A 46 -7.26 19.57 17.79
N TYR A 47 -7.65 18.30 17.87
CA TYR A 47 -7.83 17.48 16.67
C TYR A 47 -8.94 18.08 15.83
N LEU A 48 -9.92 18.65 16.51
CA LEU A 48 -11.04 19.29 15.85
C LEU A 48 -11.15 20.75 16.29
N GLU A 49 -11.78 21.56 15.45
CA GLU A 49 -12.01 22.97 15.76
C GLU A 49 -13.40 23.35 15.30
N LEU A 50 -13.97 24.36 15.95
CA LEU A 50 -15.33 24.79 15.60
C LEU A 50 -15.31 26.17 14.98
N ASP A 51 -15.96 26.32 13.83
CA ASP A 51 -15.98 27.60 13.13
C ASP A 51 -17.17 28.44 13.58
N LEU A 52 -16.88 29.56 14.23
CA LEU A 52 -17.90 30.40 14.83
C LEU A 52 -18.75 31.15 13.81
N THR A 53 -18.29 31.21 12.56
CA THR A 53 -18.98 31.96 11.52
C THR A 53 -20.13 31.18 10.89
N ASN A 54 -19.99 29.86 10.79
CA ASN A 54 -21.05 29.05 10.20
C ASN A 54 -21.45 27.86 11.07
N GLY A 55 -20.86 27.75 12.25
CA GLY A 55 -21.18 26.69 13.19
C GLY A 55 -20.79 25.31 12.71
N ALA A 56 -19.68 25.23 11.97
CA ALA A 56 -19.23 23.96 11.42
C ALA A 56 -18.09 23.35 12.24
N LEU A 57 -18.19 22.04 12.46
CA LEU A 57 -17.11 21.30 13.10
C LEU A 57 -16.22 20.68 12.02
N PHE A 58 -14.93 20.95 12.09
CA PHE A 58 -14.02 20.47 11.05
C PHE A 58 -12.73 19.89 11.63
N VAL A 59 -11.96 19.21 10.78
CA VAL A 59 -10.69 18.64 11.17
C VAL A 59 -9.61 19.73 11.22
N ASN A 60 -8.95 19.85 12.37
CA ASN A 60 -7.99 20.93 12.54
C ASN A 60 -6.53 20.44 12.54
N GLU A 61 -6.34 19.17 12.90
CA GLU A 61 -5.02 18.56 12.93
C GLU A 61 -5.05 17.13 12.43
N ARG A 62 -3.88 16.59 12.10
CA ARG A 62 -3.79 15.20 11.69
C ARG A 62 -4.25 14.29 12.81
N ILE A 63 -5.24 13.43 12.50
CA ILE A 63 -5.77 12.49 13.47
C ILE A 63 -5.33 11.07 13.12
N ASP A 64 -4.38 10.52 13.86
CA ASP A 64 -3.89 9.15 13.63
C ASP A 64 -4.49 8.17 14.62
N ARG A 65 -5.42 7.35 14.14
CA ARG A 65 -6.13 6.40 15.01
C ARG A 65 -5.18 5.40 15.66
N GLU A 66 -4.13 5.02 14.94
CA GLU A 66 -3.15 4.07 15.47
C GLU A 66 -2.45 4.61 16.71
N ALA A 67 -2.06 5.88 16.67
CA ALA A 67 -1.42 6.51 17.81
C ALA A 67 -2.40 6.72 18.96
N LEU A 68 -3.62 7.08 18.61
CA LEU A 68 -4.67 7.37 19.59
C LEU A 68 -5.20 6.13 20.30
N CYS A 69 -5.66 5.15 19.53
CA CYS A 69 -6.41 4.02 20.09
C CYS A 69 -5.69 2.68 19.98
N GLU A 70 -4.54 2.67 19.30
CA GLU A 70 -3.77 1.45 19.07
C GLU A 70 -4.63 0.32 18.50
N GLN A 71 -4.77 -0.75 19.25
CA GLN A 71 -5.50 -1.93 18.79
C GLN A 71 -6.94 -2.00 19.29
N ARG A 72 -7.35 -1.03 20.10
CA ARG A 72 -8.73 -1.01 20.56
C ARG A 72 -9.69 -0.82 19.39
N PRO A 73 -10.78 -1.59 19.37
CA PRO A 73 -11.77 -1.63 18.28
C PRO A 73 -12.50 -0.30 18.06
N ARG A 74 -12.74 0.46 19.13
CA ARG A 74 -13.43 1.74 18.97
C ARG A 74 -12.54 2.93 19.34
N CYS A 75 -12.60 3.97 18.52
CA CYS A 75 -11.83 5.19 18.77
C CYS A 75 -12.75 6.40 18.84
N LEU A 76 -12.89 6.96 20.05
CA LEU A 76 -13.89 8.00 20.27
C LEU A 76 -13.30 9.26 20.90
N LEU A 77 -13.63 10.42 20.33
CA LEU A 77 -13.28 11.69 20.93
C LEU A 77 -14.52 12.27 21.63
N SER A 78 -14.34 12.73 22.85
CA SER A 78 -15.44 13.34 23.60
C SER A 78 -15.35 14.86 23.56
N LEU A 79 -16.38 15.48 23.01
CA LEU A 79 -16.41 16.93 22.88
C LEU A 79 -17.47 17.56 23.79
N GLU A 80 -17.16 18.72 24.32
CA GLU A 80 -18.17 19.53 24.99
C GLU A 80 -18.32 20.86 24.30
N VAL A 81 -19.54 21.18 23.88
CA VAL A 81 -19.84 22.47 23.28
C VAL A 81 -20.52 23.35 24.31
N LEU A 82 -19.93 24.51 24.56
CA LEU A 82 -20.40 25.40 25.60
C LEU A 82 -21.08 26.62 25.03
N ALA A 83 -22.36 26.78 25.35
CA ALA A 83 -23.12 27.93 24.91
C ALA A 83 -23.42 28.83 26.08
N HIS A 84 -23.68 30.10 25.81
CA HIS A 84 -24.07 31.04 26.85
C HIS A 84 -25.35 31.75 26.44
N ASN A 85 -25.96 32.45 27.38
CA ASN A 85 -27.22 33.17 27.16
C ASN A 85 -28.33 32.32 26.55
N PRO A 86 -28.81 31.29 27.28
CA PRO A 86 -28.36 30.87 28.61
C PRO A 86 -27.25 29.82 28.53
N VAL A 87 -26.64 29.54 29.66
CA VAL A 87 -25.58 28.54 29.73
C VAL A 87 -26.10 27.14 29.42
N ALA A 88 -25.45 26.46 28.50
CA ALA A 88 -25.79 25.08 28.16
C ALA A 88 -24.53 24.31 27.78
N VAL A 89 -24.50 23.02 28.15
CA VAL A 89 -23.36 22.17 27.80
C VAL A 89 -23.88 20.99 27.00
N SER A 90 -23.41 20.89 25.76
CA SER A 90 -23.81 19.80 24.88
C SER A 90 -22.64 18.88 24.61
N ALA A 91 -22.84 17.59 24.84
CA ALA A 91 -21.78 16.61 24.61
C ALA A 91 -21.87 16.05 23.20
N ILE A 92 -20.73 16.04 22.52
CA ILE A 92 -20.63 15.44 21.19
C ILE A 92 -19.64 14.29 21.25
N GLU A 93 -19.94 13.21 20.53
CA GLU A 93 -19.00 12.11 20.40
C GLU A 93 -18.58 11.96 18.95
N VAL A 94 -17.27 11.92 18.74
CA VAL A 94 -16.74 11.82 17.39
C VAL A 94 -15.94 10.52 17.28
N GLU A 95 -16.43 9.62 16.44
CA GLU A 95 -15.75 8.34 16.24
C GLU A 95 -14.72 8.47 15.14
N ILE A 96 -13.51 8.01 15.43
CA ILE A 96 -12.44 8.01 14.44
C ILE A 96 -12.41 6.68 13.71
N LEU A 97 -12.84 6.69 12.46
CA LEU A 97 -12.87 5.48 11.65
C LEU A 97 -11.47 5.09 11.22
N ASP A 98 -11.22 3.79 11.16
CA ASP A 98 -9.92 3.31 10.73
C ASP A 98 -9.84 3.17 9.23
N ILE A 99 -8.73 3.62 8.65
CA ILE A 99 -8.46 3.38 7.24
C ILE A 99 -7.28 2.42 7.11
N ASN A 100 -7.14 1.81 5.94
CA ASN A 100 -6.08 0.85 5.71
C ASN A 100 -4.77 1.51 5.28
N ASP A 101 -4.17 2.27 6.19
CA ASP A 101 -2.96 3.01 5.87
C ASP A 101 -1.72 2.35 6.44
N ASN A 102 -1.85 1.09 6.83
CA ASN A 102 -0.71 0.30 7.29
C ASN A 102 -0.69 -1.08 6.64
N SER A 103 0.52 -1.58 6.37
CA SER A 103 0.68 -2.89 5.79
C SER A 103 1.08 -3.93 6.84
N PRO A 104 0.70 -5.20 6.63
CA PRO A 104 1.15 -6.30 7.48
C PRO A 104 2.67 -6.41 7.50
N ARG A 105 3.25 -6.60 8.69
CA ARG A 105 4.70 -6.67 8.82
C ARG A 105 5.14 -7.79 9.75
N PHE A 106 6.03 -8.65 9.25
CA PHE A 106 6.64 -9.70 10.07
C PHE A 106 7.78 -9.11 10.90
N PRO A 107 8.02 -9.66 12.09
CA PRO A 107 9.11 -9.17 12.96
C PRO A 107 10.48 -9.22 12.28
N ARG A 108 10.73 -10.29 11.52
CA ARG A 108 11.96 -10.39 10.74
C ARG A 108 11.68 -10.62 9.26
N PRO A 109 12.59 -10.16 8.39
CA PRO A 109 12.51 -10.47 6.97
C PRO A 109 12.96 -11.91 6.63
N ASP A 110 13.95 -12.43 7.35
CA ASP A 110 14.46 -13.77 7.04
C ASP A 110 14.31 -14.76 8.20
N TYR A 111 13.69 -15.89 7.91
CA TYR A 111 13.54 -16.98 8.87
C TYR A 111 14.22 -18.24 8.33
N GLN A 112 14.86 -18.99 9.22
CA GLN A 112 15.49 -20.24 8.82
C GLN A 112 14.89 -21.42 9.59
N LEU A 113 14.55 -22.48 8.87
CA LEU A 113 13.96 -23.68 9.46
C LEU A 113 14.81 -24.90 9.14
N GLN A 114 15.15 -25.67 10.16
CA GLN A 114 15.90 -26.90 9.97
C GLN A 114 14.99 -28.12 10.12
N VAL A 115 14.86 -28.91 9.06
CA VAL A 115 14.02 -30.10 9.12
C VAL A 115 14.80 -31.34 8.68
N SER A 116 14.77 -32.38 9.51
CA SER A 116 15.47 -33.61 9.18
C SER A 116 14.80 -34.30 8.01
N GLU A 117 15.60 -34.98 7.20
CA GLU A 117 15.12 -35.69 6.03
C GLU A 117 14.22 -36.87 6.40
N SER A 118 14.42 -37.40 7.61
CA SER A 118 13.66 -38.55 8.09
C SER A 118 12.24 -38.16 8.54
N VAL A 119 12.04 -36.88 8.82
CA VAL A 119 10.75 -36.39 9.31
C VAL A 119 9.63 -36.75 8.34
N ALA A 120 8.59 -37.38 8.87
CA ALA A 120 7.51 -37.91 8.04
C ALA A 120 6.47 -36.84 7.77
N PRO A 121 5.75 -36.97 6.64
CA PRO A 121 4.70 -36.01 6.26
C PRO A 121 3.61 -35.86 7.32
N GLY A 122 3.01 -34.68 7.38
CA GLY A 122 1.99 -34.39 8.37
C GLY A 122 2.58 -33.77 9.62
N ALA A 123 3.90 -33.61 9.63
CA ALA A 123 4.56 -32.91 10.73
C ALA A 123 4.27 -31.43 10.63
N ARG A 124 4.28 -30.72 11.76
CA ARG A 124 3.88 -29.31 11.78
C ARG A 124 4.94 -28.42 12.42
N PHE A 125 5.11 -27.23 11.85
CA PHE A 125 6.15 -26.32 12.28
C PHE A 125 5.63 -24.95 12.63
N HIS A 126 6.08 -24.43 13.77
CA HIS A 126 5.73 -23.08 14.19
C HIS A 126 6.30 -22.02 13.26
N ILE A 127 5.43 -21.13 12.81
CA ILE A 127 5.86 -19.97 12.05
C ILE A 127 5.23 -18.71 12.65
N GLU A 128 6.04 -17.67 12.81
CA GLU A 128 5.61 -16.46 13.50
C GLU A 128 4.61 -15.66 12.66
N SER A 129 3.55 -15.18 13.30
CA SER A 129 2.52 -14.42 12.60
C SER A 129 2.97 -12.99 12.29
N ALA A 130 2.38 -12.41 11.25
CA ALA A 130 2.64 -11.02 10.91
C ALA A 130 1.77 -10.11 11.76
N GLN A 131 2.13 -8.84 11.84
CA GLN A 131 1.35 -7.87 12.62
C GLN A 131 0.89 -6.71 11.74
N ASP A 132 -0.31 -6.20 12.02
CA ASP A 132 -0.86 -5.06 11.30
C ASP A 132 -1.53 -4.10 12.28
N PRO A 133 -0.94 -2.91 12.45
CA PRO A 133 -1.43 -1.95 13.45
C PRO A 133 -2.85 -1.44 13.18
N ASP A 134 -3.41 -1.73 12.01
CA ASP A 134 -4.80 -1.38 11.74
C ASP A 134 -5.73 -2.31 12.51
N VAL A 135 -7.04 -2.10 12.38
CA VAL A 135 -8.02 -2.87 13.14
C VAL A 135 -9.12 -3.38 12.23
N GLY A 136 -9.84 -4.41 12.69
CA GLY A 136 -10.95 -4.95 11.94
C GLY A 136 -10.49 -5.58 10.63
N ALA A 137 -11.23 -5.33 9.57
CA ALA A 137 -10.91 -5.88 8.26
C ALA A 137 -9.56 -5.40 7.74
N ASN A 138 -9.16 -4.21 8.17
CA ASN A 138 -7.90 -3.63 7.73
C ASN A 138 -6.66 -4.33 8.30
N SER A 139 -6.87 -5.22 9.26
CA SER A 139 -5.76 -5.97 9.84
C SER A 139 -5.52 -7.28 9.09
N VAL A 140 -4.52 -8.04 9.52
CA VAL A 140 -4.17 -9.30 8.84
C VAL A 140 -5.32 -10.30 8.83
N GLN A 141 -5.65 -10.79 7.63
CA GLN A 141 -6.75 -11.72 7.47
C GLN A 141 -6.32 -13.06 6.86
N THR A 142 -5.45 -13.01 5.85
CA THR A 142 -5.04 -14.24 5.18
C THR A 142 -3.53 -14.34 5.01
N TYR A 143 -3.06 -15.57 4.89
CA TYR A 143 -1.67 -15.85 4.59
C TYR A 143 -1.60 -16.74 3.36
N GLU A 144 -0.59 -16.55 2.52
CA GLU A 144 -0.36 -17.47 1.42
C GLU A 144 1.12 -17.84 1.35
N LEU A 145 1.40 -19.04 0.87
CA LEU A 145 2.78 -19.52 0.81
C LEU A 145 3.21 -19.68 -0.64
N SER A 146 4.49 -19.44 -0.91
CA SER A 146 5.04 -19.62 -2.24
C SER A 146 4.88 -21.08 -2.65
N PRO A 147 4.73 -21.33 -3.96
CA PRO A 147 4.47 -22.67 -4.47
C PRO A 147 5.51 -23.70 -4.00
N SER A 148 5.03 -24.74 -3.34
CA SER A 148 5.89 -25.80 -2.85
C SER A 148 5.14 -27.13 -2.88
N GLU A 149 5.81 -28.17 -3.36
CA GLU A 149 5.21 -29.50 -3.36
C GLU A 149 5.29 -30.12 -1.98
N HIS A 150 6.15 -29.57 -1.13
CA HIS A 150 6.44 -30.17 0.16
C HIS A 150 5.73 -29.53 1.35
N PHE A 151 5.41 -28.25 1.23
CA PHE A 151 4.85 -27.51 2.36
C PHE A 151 3.54 -26.83 2.01
N GLU A 152 2.64 -26.76 2.99
CA GLU A 152 1.40 -26.02 2.86
C GLU A 152 1.12 -25.33 4.18
N LEU A 153 0.22 -24.37 4.16
CA LEU A 153 -0.13 -23.61 5.36
C LEU A 153 -1.45 -24.11 5.94
N ASP A 154 -1.60 -23.96 7.25
CA ASP A 154 -2.90 -24.15 7.88
C ASP A 154 -3.26 -22.90 8.65
N LEU A 155 -4.38 -22.29 8.29
CA LEU A 155 -4.83 -21.06 8.93
C LEU A 155 -6.18 -21.28 9.60
N LYS A 156 -6.22 -21.07 10.90
CA LYS A 156 -7.43 -21.32 11.69
C LYS A 156 -7.81 -20.12 12.55
N PRO A 157 -9.10 -19.76 12.56
CA PRO A 157 -9.49 -18.66 13.46
C PRO A 157 -9.29 -19.10 14.90
N LEU A 158 -8.79 -18.20 15.73
CA LEU A 158 -8.48 -18.53 17.12
C LEU A 158 -9.36 -17.76 18.09
N GLN A 159 -9.15 -16.45 18.15
CA GLN A 159 -9.94 -15.61 19.03
C GLN A 159 -10.90 -14.78 18.21
N GLU A 160 -11.11 -13.53 18.62
CA GLU A 160 -11.94 -12.62 17.86
C GLU A 160 -11.25 -12.21 16.56
N ASN A 161 -10.00 -11.77 16.66
CA ASN A 161 -9.33 -11.15 15.52
C ASN A 161 -7.92 -11.65 15.22
N SER A 162 -7.55 -12.79 15.79
CA SER A 162 -6.25 -13.40 15.55
C SER A 162 -6.37 -14.88 15.17
N LYS A 163 -5.36 -15.39 14.49
CA LYS A 163 -5.44 -16.70 13.86
C LYS A 163 -4.20 -17.54 14.15
N VAL A 164 -4.34 -18.85 14.04
CA VAL A 164 -3.19 -19.70 14.26
C VAL A 164 -2.65 -20.13 12.91
N LEU A 165 -1.36 -19.94 12.73
CA LEU A 165 -0.69 -20.22 11.48
C LEU A 165 0.26 -21.38 11.70
N GLU A 166 0.18 -22.40 10.86
CA GLU A 166 1.05 -23.56 11.02
C GLU A 166 1.64 -23.98 9.68
N LEU A 167 2.92 -24.33 9.68
CA LEU A 167 3.54 -24.85 8.47
C LEU A 167 3.45 -26.36 8.49
N VAL A 168 2.91 -26.95 7.42
CA VAL A 168 2.65 -28.38 7.39
C VAL A 168 3.47 -29.07 6.31
N LEU A 169 4.16 -30.14 6.68
CA LEU A 169 4.90 -30.95 5.72
C LEU A 169 3.94 -31.92 5.06
N ARG A 170 3.78 -31.77 3.76
CA ARG A 170 2.82 -32.57 3.02
C ARG A 170 3.47 -33.72 2.25
N LYS A 171 4.73 -33.55 1.87
CA LYS A 171 5.42 -34.53 1.06
C LYS A 171 6.85 -34.69 1.60
N GLY A 172 7.37 -35.91 1.53
CA GLY A 172 8.65 -36.22 2.15
C GLY A 172 9.80 -35.40 1.60
N LEU A 173 10.77 -35.10 2.47
CA LEU A 173 11.95 -34.34 2.06
C LEU A 173 13.06 -35.29 1.65
N ASP A 174 13.89 -34.85 0.70
CA ASP A 174 15.03 -35.64 0.26
C ASP A 174 16.22 -34.73 0.00
N ARG A 175 17.16 -34.71 0.94
CA ARG A 175 18.31 -33.81 0.87
C ARG A 175 19.17 -34.09 -0.38
N GLU A 176 19.23 -35.34 -0.79
CA GLU A 176 19.99 -35.72 -1.98
C GLU A 176 19.36 -35.13 -3.24
N GLN A 177 18.05 -34.95 -3.20
CA GLN A 177 17.33 -34.26 -4.27
C GLN A 177 17.47 -32.74 -4.10
N THR A 178 17.08 -32.24 -2.93
CA THR A 178 17.19 -30.82 -2.63
C THR A 178 17.53 -30.61 -1.16
N ALA A 179 18.54 -29.79 -0.91
CA ALA A 179 19.03 -29.58 0.45
C ALA A 179 18.46 -28.31 1.06
N LEU A 180 18.03 -27.39 0.20
CA LEU A 180 17.48 -26.12 0.66
C LEU A 180 16.22 -25.73 -0.09
N HIS A 181 15.15 -25.50 0.65
CA HIS A 181 13.89 -25.07 0.06
C HIS A 181 13.67 -23.61 0.38
N TYR A 182 13.48 -22.80 -0.65
CA TYR A 182 13.26 -21.37 -0.47
C TYR A 182 11.77 -21.07 -0.51
N LEU A 183 11.25 -20.54 0.59
CA LEU A 183 9.84 -20.25 0.69
C LEU A 183 9.59 -18.78 1.04
N VAL A 184 8.59 -18.19 0.40
CA VAL A 184 8.16 -16.83 0.72
C VAL A 184 6.77 -16.86 1.34
N LEU A 185 6.64 -16.26 2.52
CA LEU A 185 5.37 -16.23 3.23
C LEU A 185 4.75 -14.85 3.10
N THR A 186 3.52 -14.78 2.61
CA THR A 186 2.85 -13.49 2.37
C THR A 186 1.61 -13.30 3.24
N ALA A 187 1.62 -12.22 4.01
CA ALA A 187 0.47 -11.87 4.85
C ALA A 187 -0.34 -10.75 4.19
N VAL A 188 -1.66 -10.93 4.16
CA VAL A 188 -2.56 -10.00 3.46
C VAL A 188 -3.69 -9.51 4.36
N ASP A 189 -4.00 -8.21 4.31
CA ASP A 189 -5.13 -7.68 5.07
C ASP A 189 -6.39 -7.71 4.22
N GLY A 190 -7.52 -7.31 4.81
CA GLY A 190 -8.80 -7.36 4.13
C GLY A 190 -9.26 -6.02 3.59
N GLY A 191 -8.38 -5.04 3.60
CA GLY A 191 -8.67 -3.74 3.02
C GLY A 191 -8.76 -3.83 1.51
N ILE A 192 -9.43 -2.86 0.89
CA ILE A 192 -9.50 -2.80 -0.56
C ILE A 192 -8.92 -1.48 -1.05
N PRO A 193 -7.81 -1.54 -1.83
CA PRO A 193 -7.10 -2.76 -2.21
C PRO A 193 -6.27 -3.35 -1.07
N ALA A 194 -6.03 -4.65 -1.12
CA ALA A 194 -5.32 -5.35 -0.05
C ALA A 194 -3.85 -4.97 0.01
N ARG A 195 -3.34 -4.85 1.23
CA ARG A 195 -1.93 -4.54 1.44
C ARG A 195 -1.21 -5.78 1.98
N SER A 196 0.05 -5.94 1.58
CA SER A 196 0.78 -7.17 1.86
C SER A 196 2.07 -6.94 2.61
N GLY A 197 2.55 -8.02 3.23
CA GLY A 197 3.86 -8.05 3.85
C GLY A 197 4.43 -9.45 3.67
N THR A 198 5.74 -9.54 3.50
CA THR A 198 6.35 -10.83 3.22
C THR A 198 7.50 -11.16 4.15
N ALA A 199 7.78 -12.45 4.27
CA ALA A 199 8.94 -12.91 5.01
C ALA A 199 9.55 -14.09 4.27
N GLN A 200 10.86 -14.19 4.30
CA GLN A 200 11.54 -15.28 3.60
C GLN A 200 11.77 -16.42 4.58
N ILE A 201 11.44 -17.64 4.17
CA ILE A 201 11.74 -18.82 4.96
C ILE A 201 12.67 -19.78 4.23
N ALA A 202 13.82 -20.07 4.82
CA ALA A 202 14.74 -21.03 4.25
C ALA A 202 14.65 -22.35 4.99
N VAL A 203 14.20 -23.39 4.29
CA VAL A 203 14.05 -24.70 4.90
C VAL A 203 15.23 -25.59 4.53
N ARG A 204 16.05 -25.90 5.53
CA ARG A 204 17.24 -26.70 5.32
C ARG A 204 16.99 -28.16 5.69
N VAL A 205 17.24 -29.05 4.75
CA VAL A 205 16.99 -30.48 4.96
C VAL A 205 18.27 -31.14 5.48
N LEU A 206 18.21 -31.62 6.73
CA LEU A 206 19.37 -32.25 7.34
C LEU A 206 19.52 -33.67 6.83
N ASP A 207 20.77 -34.13 6.71
CA ASP A 207 21.04 -35.44 6.15
C ASP A 207 20.76 -36.58 7.13
N THR A 208 20.09 -37.62 6.65
CA THR A 208 20.03 -38.88 7.38
C THR A 208 20.73 -39.94 6.55
N ASN A 209 21.17 -41.01 7.20
CA ASN A 209 21.83 -42.10 6.49
C ASN A 209 20.81 -43.03 5.88
N ASP A 210 20.13 -42.57 4.84
CA ASP A 210 19.02 -43.32 4.26
C ASP A 210 19.38 -43.93 2.90
N ASN A 211 20.67 -43.88 2.56
CA ASN A 211 21.16 -44.52 1.35
C ASN A 211 22.28 -45.50 1.68
N SER A 212 22.18 -46.70 1.13
CA SER A 212 23.23 -47.70 1.30
C SER A 212 24.16 -47.68 0.10
N PRO A 213 25.46 -47.97 0.32
CA PRO A 213 26.47 -48.02 -0.73
C PRO A 213 26.05 -48.92 -1.88
N ALA A 214 26.42 -48.56 -3.11
CA ALA A 214 26.04 -49.34 -4.28
C ALA A 214 27.15 -49.42 -5.30
N PHE A 215 27.42 -50.63 -5.78
CA PHE A 215 28.40 -50.85 -6.84
C PHE A 215 27.76 -50.60 -8.19
N ASP A 216 28.57 -50.22 -9.18
CA ASP A 216 28.06 -49.96 -10.52
C ASP A 216 27.45 -51.23 -11.12
N GLN A 217 28.02 -52.37 -10.79
CA GLN A 217 27.49 -53.65 -11.25
C GLN A 217 27.36 -54.64 -10.10
N SER A 218 26.37 -55.52 -10.20
CA SER A 218 26.18 -56.57 -9.19
C SER A 218 27.28 -57.62 -9.23
N THR A 219 27.69 -58.00 -10.44
CA THR A 219 28.68 -59.05 -10.60
C THR A 219 29.80 -58.62 -11.56
N TYR A 220 31.03 -58.97 -11.22
CA TYR A 220 32.18 -58.68 -12.04
C TYR A 220 32.87 -59.97 -12.47
N ARG A 221 33.24 -60.07 -13.74
CA ARG A 221 33.93 -61.26 -14.23
C ARG A 221 35.32 -60.86 -14.69
N VAL A 222 36.34 -61.56 -14.17
CA VAL A 222 37.73 -61.23 -14.47
C VAL A 222 38.54 -62.47 -14.81
N GLN A 223 39.38 -62.38 -15.84
CA GLN A 223 40.30 -63.46 -16.17
C GLN A 223 41.69 -63.19 -15.60
N LEU A 224 42.15 -64.09 -14.74
CA LEU A 224 43.43 -63.93 -14.09
C LEU A 224 44.34 -65.10 -14.43
N ARG A 225 45.55 -64.79 -14.88
CA ARG A 225 46.51 -65.84 -15.20
C ARG A 225 47.02 -66.43 -13.89
N GLU A 226 47.27 -67.73 -13.87
CA GLU A 226 47.70 -68.38 -12.64
C GLU A 226 49.09 -67.89 -12.22
N ASP A 227 49.88 -67.45 -13.17
CA ASP A 227 51.25 -66.99 -12.89
C ASP A 227 51.31 -65.48 -12.62
N ALA A 228 50.16 -64.89 -12.36
CA ALA A 228 50.09 -63.47 -12.00
C ALA A 228 50.82 -63.24 -10.68
N PRO A 229 51.78 -62.31 -10.67
CA PRO A 229 52.56 -62.03 -9.46
C PRO A 229 51.69 -61.47 -8.34
N PRO A 230 52.09 -61.69 -7.08
CA PRO A 230 51.38 -61.07 -5.97
C PRO A 230 51.41 -59.56 -6.06
N GLY A 231 50.27 -58.92 -5.75
CA GLY A 231 50.16 -57.48 -5.88
C GLY A 231 49.57 -57.07 -7.22
N THR A 232 49.26 -58.06 -8.06
CA THR A 232 48.65 -57.82 -9.36
C THR A 232 47.21 -57.36 -9.21
N LEU A 233 46.83 -56.31 -9.94
CA LEU A 233 45.50 -55.75 -9.85
C LEU A 233 44.48 -56.66 -10.52
N VAL A 234 43.62 -57.26 -9.71
CA VAL A 234 42.55 -58.12 -10.22
C VAL A 234 41.43 -57.28 -10.82
N VAL A 235 40.91 -56.34 -10.03
CA VAL A 235 39.82 -55.48 -10.46
C VAL A 235 39.67 -54.25 -9.55
N LYS A 236 39.33 -53.11 -10.15
CA LYS A 236 39.03 -51.91 -9.40
C LYS A 236 37.52 -51.76 -9.23
N LEU A 237 37.07 -51.86 -7.99
CA LEU A 237 35.64 -51.76 -7.70
C LEU A 237 35.27 -50.33 -7.33
N ASN A 238 34.18 -49.84 -7.92
CA ASN A 238 33.70 -48.49 -7.64
C ASN A 238 32.32 -48.51 -6.98
N ALA A 239 32.27 -48.09 -5.72
CA ALA A 239 31.01 -47.95 -5.00
C ALA A 239 30.74 -46.48 -4.71
N SER A 240 29.47 -46.10 -4.67
CA SER A 240 29.09 -44.71 -4.42
C SER A 240 27.96 -44.59 -3.38
N ASP A 241 28.01 -43.51 -2.61
CA ASP A 241 26.97 -43.22 -1.61
C ASP A 241 26.60 -41.74 -1.64
N PRO A 242 25.36 -41.43 -2.04
CA PRO A 242 24.91 -40.05 -2.25
C PRO A 242 24.68 -39.25 -0.97
N ASP A 243 24.75 -39.89 0.20
CA ASP A 243 24.54 -39.19 1.46
C ASP A 243 25.68 -38.20 1.75
N GLU A 244 25.53 -37.43 2.83
CA GLU A 244 26.44 -36.34 3.10
C GLU A 244 27.48 -36.67 4.17
N GLY A 245 28.72 -36.26 3.92
CA GLY A 245 29.80 -36.42 4.87
C GLY A 245 30.07 -37.86 5.26
N SER A 246 30.12 -38.10 6.56
CA SER A 246 30.42 -39.42 7.10
C SER A 246 29.42 -40.47 6.64
N ASN A 247 28.19 -40.05 6.37
CA ASN A 247 27.14 -40.95 5.91
C ASN A 247 27.35 -41.46 4.48
N GLY A 248 28.17 -40.75 3.71
CA GLY A 248 28.46 -41.16 2.34
C GLY A 248 29.90 -41.62 2.14
N GLU A 249 30.59 -41.88 3.25
CA GLU A 249 31.99 -42.26 3.18
C GLU A 249 32.11 -43.78 3.30
N LEU A 250 32.83 -44.37 2.35
CA LEU A 250 32.85 -45.81 2.19
C LEU A 250 34.17 -46.46 2.60
N ARG A 251 34.07 -47.66 3.16
CA ARG A 251 35.21 -48.52 3.40
C ARG A 251 34.94 -49.89 2.76
N TYR A 252 35.88 -50.36 1.96
CA TYR A 252 35.73 -51.63 1.27
C TYR A 252 36.27 -52.78 2.12
N SER A 253 35.64 -53.94 2.04
CA SER A 253 36.09 -55.11 2.78
C SER A 253 35.56 -56.39 2.14
N LEU A 254 36.26 -57.50 2.39
CA LEU A 254 35.80 -58.80 1.93
C LEU A 254 34.76 -59.34 2.89
N SER A 255 33.69 -59.92 2.35
CA SER A 255 32.62 -60.49 3.15
C SER A 255 33.13 -61.63 4.03
N SER A 256 32.55 -61.79 5.20
CA SER A 256 32.95 -62.84 6.13
C SER A 256 32.67 -64.24 5.59
N TYR A 257 31.77 -64.32 4.63
CA TYR A 257 31.39 -65.61 4.04
C TYR A 257 32.51 -66.19 3.18
N THR A 258 33.49 -65.35 2.84
CA THR A 258 34.62 -65.77 2.04
C THR A 258 35.46 -66.78 2.81
N SER A 259 35.97 -67.79 2.12
CA SER A 259 36.72 -68.86 2.77
C SER A 259 38.08 -68.36 3.25
N ASP A 260 38.66 -69.07 4.21
CA ASP A 260 39.96 -68.72 4.77
C ASP A 260 41.05 -68.72 3.71
N ARG A 261 40.96 -69.66 2.78
CA ARG A 261 41.95 -69.80 1.72
C ARG A 261 41.96 -68.58 0.78
N GLU A 262 40.77 -68.11 0.44
CA GLU A 262 40.64 -66.96 -0.47
C GLU A 262 41.20 -65.68 0.13
N ARG A 263 41.04 -65.53 1.44
CA ARG A 263 41.60 -64.37 2.14
C ARG A 263 43.11 -64.39 2.06
N GLN A 264 43.69 -65.58 2.06
CA GLN A 264 45.13 -65.75 1.87
C GLN A 264 45.54 -65.41 0.44
N LEU A 265 44.72 -65.84 -0.52
CA LEU A 265 45.01 -65.61 -1.93
C LEU A 265 44.74 -64.18 -2.39
N PHE A 266 43.64 -63.59 -1.89
CA PHE A 266 43.21 -62.28 -2.37
C PHE A 266 43.05 -61.25 -1.25
N SER A 267 43.35 -59.99 -1.56
CA SER A 267 43.17 -58.89 -0.63
C SER A 267 42.52 -57.69 -1.31
N ILE A 268 41.78 -56.88 -0.54
CA ILE A 268 41.16 -55.68 -1.08
C ILE A 268 41.56 -54.46 -0.26
N ASP A 269 41.74 -53.33 -0.95
CA ASP A 269 42.11 -52.08 -0.31
C ASP A 269 40.87 -51.40 0.27
N VAL A 270 40.97 -51.01 1.54
CA VAL A 270 39.84 -50.49 2.31
C VAL A 270 39.28 -49.20 1.72
N THR A 271 40.17 -48.30 1.28
CA THR A 271 39.73 -47.01 0.76
C THR A 271 39.46 -47.03 -0.75
N THR A 272 40.38 -47.59 -1.53
CA THR A 272 40.27 -47.55 -2.99
C THR A 272 39.39 -48.65 -3.58
N GLY A 273 39.36 -49.81 -2.93
CA GLY A 273 38.55 -50.91 -3.41
C GLY A 273 39.24 -51.71 -4.51
N GLU A 274 40.57 -51.65 -4.52
CA GLU A 274 41.34 -52.42 -5.48
C GLU A 274 41.56 -53.84 -4.97
N VAL A 275 41.04 -54.81 -5.69
CA VAL A 275 41.27 -56.22 -5.36
C VAL A 275 42.57 -56.66 -6.01
N ARG A 276 43.49 -57.17 -5.21
CA ARG A 276 44.79 -57.59 -5.71
C ARG A 276 45.12 -59.01 -5.31
N VAL A 277 46.09 -59.60 -6.00
CA VAL A 277 46.56 -60.94 -5.69
C VAL A 277 47.50 -60.91 -4.49
N SER A 278 47.24 -61.76 -3.50
CA SER A 278 48.09 -61.83 -2.32
C SER A 278 49.05 -63.01 -2.40
N GLY A 279 48.52 -64.19 -2.69
CA GLY A 279 49.33 -65.40 -2.74
C GLY A 279 49.40 -65.99 -4.13
N THR A 280 50.30 -66.95 -4.33
CA THR A 280 50.48 -67.56 -5.64
C THR A 280 49.25 -68.36 -6.04
N LEU A 281 48.95 -68.38 -7.33
CA LEU A 281 47.75 -69.04 -7.83
C LEU A 281 48.08 -70.33 -8.57
N ASP A 282 47.21 -71.33 -8.41
CA ASP A 282 47.39 -72.61 -9.06
C ASP A 282 46.09 -73.09 -9.70
N TYR A 283 46.10 -73.26 -11.01
CA TYR A 283 44.92 -73.72 -11.74
C TYR A 283 44.53 -75.13 -11.30
N GLU A 284 45.52 -75.94 -10.94
CA GLU A 284 45.28 -77.27 -10.42
C GLU A 284 44.59 -77.21 -9.06
N GLU A 285 44.98 -76.24 -8.25
CA GLU A 285 44.39 -76.05 -6.92
C GLU A 285 42.94 -75.58 -7.02
N SER A 286 42.69 -74.60 -7.89
CA SER A 286 41.33 -74.08 -8.07
C SER A 286 41.12 -73.55 -9.49
N SER A 287 40.02 -73.97 -10.11
CA SER A 287 39.64 -73.50 -11.43
C SER A 287 39.07 -72.09 -11.40
N SER A 288 38.45 -71.74 -10.28
CA SER A 288 37.74 -70.48 -10.16
C SER A 288 37.66 -70.03 -8.70
N TYR A 289 37.43 -68.74 -8.52
CA TYR A 289 37.20 -68.19 -7.18
C TYR A 289 35.96 -67.31 -7.16
N GLN A 290 35.26 -67.31 -6.03
CA GLN A 290 34.12 -66.45 -5.82
C GLN A 290 34.37 -65.51 -4.65
N ILE A 291 34.63 -64.25 -4.94
CA ILE A 291 34.95 -63.27 -3.91
C ILE A 291 33.78 -62.33 -3.66
N TYR A 292 33.34 -62.29 -2.41
CA TYR A 292 32.21 -61.44 -2.04
C TYR A 292 32.72 -60.17 -1.41
N VAL A 293 32.35 -59.03 -1.99
CA VAL A 293 32.84 -57.74 -1.55
C VAL A 293 31.70 -56.86 -1.07
N GLN A 294 31.90 -56.18 0.05
CA GLN A 294 30.90 -55.25 0.55
C GLN A 294 31.50 -53.86 0.80
N ALA A 295 30.66 -52.85 0.65
CA ALA A 295 31.07 -51.48 0.94
C ALA A 295 30.17 -50.93 2.03
N THR A 296 30.75 -50.30 3.04
CA THR A 296 30.01 -49.92 4.23
C THR A 296 30.10 -48.42 4.52
N ASP A 297 29.01 -47.86 5.04
CA ASP A 297 28.95 -46.46 5.47
C ASP A 297 29.80 -46.21 6.71
N ARG A 298 30.08 -44.94 6.98
CA ARG A 298 30.64 -44.52 8.25
C ARG A 298 29.60 -43.75 9.07
N GLY A 299 28.33 -43.93 8.72
CA GLY A 299 27.25 -43.30 9.44
C GLY A 299 27.00 -43.94 10.80
N PRO A 300 26.10 -43.34 11.59
CA PRO A 300 25.75 -43.82 12.94
C PRO A 300 25.25 -45.25 12.89
N VAL A 301 24.34 -45.51 11.97
CA VAL A 301 23.94 -46.88 11.63
C VAL A 301 24.53 -47.22 10.28
N PRO A 302 25.68 -47.93 10.28
CA PRO A 302 26.36 -48.22 9.03
C PRO A 302 25.49 -49.01 8.06
N MET A 303 25.51 -48.62 6.79
CA MET A 303 24.71 -49.29 5.79
C MET A 303 25.66 -49.90 4.78
N ALA A 304 25.28 -51.02 4.18
CA ALA A 304 26.21 -51.76 3.33
C ALA A 304 25.63 -52.06 1.95
N GLY A 305 26.52 -52.21 0.99
CA GLY A 305 26.16 -52.65 -0.34
C GLY A 305 27.04 -53.83 -0.68
N HIS A 306 26.59 -54.68 -1.61
CA HIS A 306 27.31 -55.91 -1.89
C HIS A 306 27.44 -56.19 -3.38
N CYS A 307 28.50 -56.92 -3.73
CA CYS A 307 28.70 -57.39 -5.09
C CYS A 307 29.56 -58.64 -5.08
N LYS A 308 29.59 -59.35 -6.20
CA LYS A 308 30.34 -60.60 -6.31
C LYS A 308 31.40 -60.49 -7.40
N VAL A 309 32.61 -60.91 -7.08
CA VAL A 309 33.68 -60.96 -8.07
C VAL A 309 33.97 -62.40 -8.46
N LEU A 310 33.81 -62.70 -9.75
CA LEU A 310 34.06 -64.04 -10.25
C LEU A 310 35.39 -64.08 -11.00
N VAL A 311 36.35 -64.79 -10.44
CA VAL A 311 37.69 -64.84 -10.99
C VAL A 311 37.94 -66.13 -11.77
N ASP A 312 38.20 -65.98 -13.06
CA ASP A 312 38.51 -67.13 -13.91
C ASP A 312 40.02 -67.31 -14.04
N ILE A 313 40.55 -68.32 -13.35
CA ILE A 313 41.98 -68.61 -13.44
C ILE A 313 42.29 -69.24 -14.79
N ILE A 314 43.30 -68.68 -15.47
CA ILE A 314 43.70 -69.20 -16.77
C ILE A 314 44.92 -70.08 -16.62
N ASP A 315 44.84 -71.29 -17.16
CA ASP A 315 45.94 -72.24 -17.06
C ASP A 315 47.15 -71.75 -17.84
N VAL A 316 48.33 -71.96 -17.27
CA VAL A 316 49.59 -71.58 -17.90
C VAL A 316 50.47 -72.81 -18.06
N ASN A 317 51.05 -72.98 -19.24
CA ASN A 317 51.91 -74.11 -19.55
C ASN A 317 51.23 -75.46 -19.32
N GLN B 1 -51.84 51.52 0.94
CA GLN B 1 -50.50 51.93 0.54
C GLN B 1 -50.39 52.02 -0.96
N LEU B 2 -49.26 52.54 -1.43
CA LEU B 2 -48.86 52.38 -2.82
C LEU B 2 -47.78 51.32 -2.86
N ARG B 3 -47.87 50.36 -3.78
CA ARG B 3 -46.80 49.39 -3.88
C ARG B 3 -46.33 49.35 -5.33
N TYR B 4 -45.02 49.38 -5.52
CA TYR B 4 -44.46 49.28 -6.85
C TYR B 4 -43.38 48.22 -6.86
N SER B 5 -43.18 47.59 -8.01
CA SER B 5 -42.07 46.67 -8.19
C SER B 5 -41.18 47.18 -9.30
N VAL B 6 -39.93 47.47 -8.97
CA VAL B 6 -38.99 47.96 -9.94
C VAL B 6 -37.85 46.96 -10.10
N PRO B 7 -37.63 46.47 -11.33
CA PRO B 7 -36.46 45.64 -11.56
C PRO B 7 -35.20 46.49 -11.47
N GLU B 8 -34.14 45.95 -10.90
CA GLU B 8 -32.89 46.67 -10.75
C GLU B 8 -32.26 46.98 -12.11
N GLU B 9 -31.31 47.92 -12.10
CA GLU B 9 -30.45 48.19 -13.25
C GLU B 9 -31.18 48.76 -14.46
N GLN B 10 -32.36 49.34 -14.23
CA GLN B 10 -33.02 50.10 -15.28
C GLN B 10 -32.27 51.41 -15.47
N SER B 11 -32.16 51.86 -16.71
CA SER B 11 -31.50 53.13 -16.99
C SER B 11 -32.36 54.27 -16.46
N PRO B 12 -31.72 55.39 -16.08
CA PRO B 12 -32.46 56.55 -15.58
C PRO B 12 -33.53 57.01 -16.57
N GLY B 13 -34.67 57.44 -16.05
CA GLY B 13 -35.77 57.87 -16.90
C GLY B 13 -36.85 56.81 -17.03
N ALA B 14 -36.56 55.60 -16.57
CA ALA B 14 -37.55 54.53 -16.62
C ALA B 14 -38.69 54.87 -15.68
N LEU B 15 -39.92 54.69 -16.15
CA LEU B 15 -41.08 55.14 -15.41
C LEU B 15 -41.60 54.10 -14.42
N VAL B 16 -41.78 54.52 -13.18
CA VAL B 16 -42.33 53.64 -12.15
C VAL B 16 -43.85 53.81 -12.04
N GLY B 17 -44.29 55.05 -11.83
CA GLY B 17 -45.72 55.31 -11.67
C GLY B 17 -46.07 56.79 -11.65
N ASN B 18 -47.37 57.09 -11.71
CA ASN B 18 -47.86 58.45 -11.48
C ASN B 18 -48.46 58.64 -10.08
N VAL B 19 -47.72 59.32 -9.21
CA VAL B 19 -48.17 59.55 -7.83
C VAL B 19 -49.41 60.44 -7.78
N ALA B 20 -49.44 61.48 -8.61
CA ALA B 20 -50.55 62.42 -8.61
C ALA B 20 -51.86 61.72 -8.96
N ARG B 21 -51.80 60.87 -9.98
CA ARG B 21 -52.96 60.09 -10.42
C ARG B 21 -53.36 59.04 -9.38
N ALA B 22 -52.37 58.33 -8.83
CA ALA B 22 -52.65 57.27 -7.87
C ALA B 22 -53.24 57.76 -6.56
N LEU B 23 -52.72 58.88 -6.06
CA LEU B 23 -53.13 59.39 -4.75
C LEU B 23 -54.18 60.51 -4.80
N GLY B 24 -54.58 60.91 -6.00
CA GLY B 24 -55.53 62.00 -6.16
C GLY B 24 -55.03 63.29 -5.53
N LEU B 25 -53.77 63.62 -5.79
CA LEU B 25 -53.17 64.83 -5.25
C LEU B 25 -53.03 65.90 -6.34
N GLU B 26 -53.60 67.07 -6.09
CA GLU B 26 -53.40 68.20 -6.98
C GLU B 26 -51.92 68.58 -6.95
N LEU B 27 -51.38 68.90 -8.11
CA LEU B 27 -49.96 69.22 -8.24
C LEU B 27 -49.57 70.40 -7.37
N ARG B 28 -50.51 71.30 -7.15
CA ARG B 28 -50.30 72.48 -6.30
C ARG B 28 -50.03 72.08 -4.86
N ARG B 29 -50.53 70.91 -4.47
CA ARG B 29 -50.30 70.41 -3.12
C ARG B 29 -48.91 69.77 -2.96
N LEU B 30 -48.24 69.55 -4.09
CA LEU B 30 -46.88 69.01 -4.07
C LEU B 30 -45.89 70.14 -4.34
N GLY B 31 -44.72 70.02 -3.74
CA GLY B 31 -43.70 71.05 -3.85
C GLY B 31 -42.32 70.43 -3.68
N PRO B 32 -41.28 71.26 -3.68
CA PRO B 32 -39.90 70.79 -3.46
C PRO B 32 -39.76 70.06 -2.13
N GLY B 33 -39.15 68.88 -2.15
CA GLY B 33 -38.88 68.16 -0.93
C GLY B 33 -40.05 67.31 -0.46
N CYS B 34 -41.04 67.13 -1.33
CA CYS B 34 -42.25 66.41 -0.94
C CYS B 34 -42.08 64.90 -1.07
N LEU B 35 -40.97 64.47 -1.65
CA LEU B 35 -40.69 63.05 -1.79
C LEU B 35 -39.53 62.65 -0.91
N ARG B 36 -39.79 61.77 0.04
CA ARG B 36 -38.75 61.27 0.92
C ARG B 36 -38.43 59.85 0.56
N ILE B 37 -37.14 59.53 0.54
CA ILE B 37 -36.69 58.19 0.19
C ILE B 37 -35.81 57.64 1.30
N ASN B 38 -36.20 56.48 1.83
CA ASN B 38 -35.49 55.86 2.94
C ASN B 38 -35.17 54.40 2.68
N HIS B 39 -34.00 53.97 3.14
CA HIS B 39 -33.65 52.56 3.15
C HIS B 39 -33.15 52.19 4.54
N LEU B 40 -33.75 51.16 5.12
CA LEU B 40 -33.41 50.68 6.46
C LEU B 40 -33.52 51.80 7.50
N GLY B 41 -34.48 52.70 7.30
CA GLY B 41 -34.72 53.78 8.24
C GLY B 41 -33.74 54.92 8.10
N ALA B 42 -32.93 54.87 7.05
CA ALA B 42 -31.91 55.88 6.80
C ALA B 42 -32.09 56.50 5.43
N PRO B 43 -31.65 57.76 5.25
CA PRO B 43 -31.81 58.41 3.95
C PRO B 43 -30.97 57.72 2.89
N SER B 44 -31.42 57.77 1.65
CA SER B 44 -30.75 57.06 0.57
C SER B 44 -30.64 57.97 -0.64
N PRO B 45 -29.74 57.63 -1.58
CA PRO B 45 -29.62 58.46 -2.79
C PRO B 45 -30.95 58.61 -3.53
N ARG B 46 -31.04 59.60 -4.39
CA ARG B 46 -32.29 59.86 -5.09
C ARG B 46 -32.45 58.82 -6.19
N TYR B 47 -32.70 57.57 -5.80
CA TYR B 47 -32.90 56.49 -6.77
C TYR B 47 -34.11 56.76 -7.62
N LEU B 48 -35.12 57.38 -7.00
CA LEU B 48 -36.34 57.73 -7.67
C LEU B 48 -36.56 59.22 -7.51
N GLU B 49 -37.30 59.81 -8.45
CA GLU B 49 -37.60 61.23 -8.34
C GLU B 49 -39.04 61.48 -8.77
N LEU B 50 -39.61 62.55 -8.25
CA LEU B 50 -41.00 62.90 -8.54
C LEU B 50 -41.05 64.19 -9.34
N ASP B 51 -41.80 64.17 -10.44
CA ASP B 51 -41.92 65.34 -11.32
C ASP B 51 -43.08 66.21 -10.84
N LEU B 52 -42.77 67.42 -10.42
CA LEU B 52 -43.76 68.32 -9.84
C LEU B 52 -44.75 68.86 -10.87
N THR B 53 -44.40 68.74 -12.15
CA THR B 53 -45.26 69.24 -13.23
C THR B 53 -46.34 68.25 -13.67
N ASN B 54 -46.04 66.94 -13.62
CA ASN B 54 -47.03 65.94 -14.03
C ASN B 54 -47.24 64.82 -13.01
N GLY B 55 -46.56 64.89 -11.88
CA GLY B 55 -46.73 63.91 -10.81
C GLY B 55 -46.24 62.51 -11.16
N ALA B 56 -45.15 62.41 -11.91
CA ALA B 56 -44.65 61.11 -12.32
C ALA B 56 -43.49 60.65 -11.45
N LEU B 57 -43.55 59.40 -11.02
CA LEU B 57 -42.45 58.78 -10.30
C LEU B 57 -41.60 57.98 -11.29
N PHE B 58 -40.32 58.30 -11.38
CA PHE B 58 -39.45 57.64 -12.34
C PHE B 58 -38.08 57.32 -11.74
N VAL B 59 -37.31 56.51 -12.45
CA VAL B 59 -35.96 56.16 -12.01
C VAL B 59 -35.00 57.30 -12.33
N ASN B 60 -34.32 57.79 -11.30
CA ASN B 60 -33.44 58.94 -11.43
C ASN B 60 -31.97 58.58 -11.38
N GLU B 61 -31.66 57.46 -10.76
CA GLU B 61 -30.28 57.02 -10.63
C GLU B 61 -30.21 55.52 -10.87
N ARG B 62 -29.02 55.02 -11.16
CA ARG B 62 -28.82 53.59 -11.32
C ARG B 62 -29.17 52.86 -10.03
N ILE B 63 -30.05 51.88 -10.12
CA ILE B 63 -30.43 51.11 -8.95
C ILE B 63 -29.83 49.71 -9.03
N ASP B 64 -28.76 49.51 -8.24
CA ASP B 64 -28.09 48.21 -8.15
C ASP B 64 -28.51 47.52 -6.86
N ARG B 65 -29.33 46.48 -6.98
CA ARG B 65 -29.85 45.77 -5.82
C ARG B 65 -28.71 45.17 -4.99
N GLU B 66 -27.64 44.78 -5.68
CA GLU B 66 -26.47 44.21 -5.02
C GLU B 66 -25.83 45.22 -4.07
N ALA B 67 -25.71 46.46 -4.53
CA ALA B 67 -25.16 47.53 -3.69
C ALA B 67 -26.12 47.92 -2.57
N LEU B 68 -27.41 47.92 -2.87
CA LEU B 68 -28.43 48.30 -1.89
C LEU B 68 -28.64 47.28 -0.77
N CYS B 69 -28.99 46.06 -1.14
CA CYS B 69 -29.42 45.07 -0.14
C CYS B 69 -28.50 43.87 -0.05
N GLU B 70 -27.55 43.77 -0.97
CA GLU B 70 -26.63 42.63 -1.01
C GLU B 70 -27.34 41.27 -0.94
N GLN B 71 -27.16 40.55 0.16
CA GLN B 71 -27.67 39.19 0.28
C GLN B 71 -29.03 39.08 0.96
N ARG B 72 -29.58 40.22 1.37
CA ARG B 72 -30.92 40.26 1.94
C ARG B 72 -31.94 39.74 0.93
N PRO B 73 -32.88 38.90 1.39
CA PRO B 73 -33.86 38.29 0.48
C PRO B 73 -34.80 39.31 -0.18
N ARG B 74 -35.16 40.36 0.56
CA ARG B 74 -36.05 41.39 0.04
C ARG B 74 -35.36 42.76 0.01
N CYS B 75 -35.56 43.52 -1.05
CA CYS B 75 -34.97 44.85 -1.17
C CYS B 75 -36.06 45.90 -1.33
N LEU B 76 -36.25 46.71 -0.29
CA LEU B 76 -37.39 47.61 -0.23
C LEU B 76 -37.01 49.06 0.00
N LEU B 77 -37.55 49.94 -0.83
CA LEU B 77 -37.40 51.37 -0.62
C LEU B 77 -38.66 51.92 0.02
N SER B 78 -38.50 52.72 1.06
CA SER B 78 -39.64 53.33 1.72
C SER B 78 -39.80 54.78 1.25
N LEU B 79 -40.93 55.08 0.63
CA LEU B 79 -41.16 56.43 0.14
C LEU B 79 -42.23 57.11 0.97
N GLU B 80 -42.03 58.39 1.23
CA GLU B 80 -43.07 59.21 1.83
C GLU B 80 -43.38 60.38 0.90
N VAL B 81 -44.63 60.51 0.52
CA VAL B 81 -45.05 61.67 -0.26
C VAL B 81 -45.78 62.63 0.65
N LEU B 82 -45.26 63.86 0.73
CA LEU B 82 -45.81 64.85 1.65
C LEU B 82 -46.54 65.95 0.89
N ALA B 83 -47.83 66.06 1.17
CA ALA B 83 -48.65 67.08 0.54
C ALA B 83 -49.00 68.13 1.57
N HIS B 84 -49.35 69.32 1.09
CA HIS B 84 -49.77 70.40 1.97
C HIS B 84 -51.11 70.94 1.49
N ASN B 85 -51.70 71.79 2.31
CA ASN B 85 -53.03 72.37 2.03
C ASN B 85 -54.10 71.32 1.74
N PRO B 86 -54.42 70.47 2.72
CA PRO B 86 -53.83 70.37 4.06
C PRO B 86 -52.67 69.39 4.08
N VAL B 87 -51.92 69.35 5.18
CA VAL B 87 -50.79 68.43 5.30
C VAL B 87 -51.28 66.97 5.32
N ALA B 88 -50.71 66.16 4.45
CA ALA B 88 -51.04 64.74 4.38
C ALA B 88 -49.81 63.92 4.00
N VAL B 89 -49.73 62.69 4.52
CA VAL B 89 -48.60 61.82 4.23
C VAL B 89 -49.02 60.49 3.64
N SER B 90 -48.53 60.20 2.44
CA SER B 90 -48.80 58.93 1.80
C SER B 90 -47.53 58.09 1.74
N ALA B 91 -47.59 56.88 2.28
CA ALA B 91 -46.45 55.98 2.28
C ALA B 91 -46.47 55.08 1.05
N ILE B 92 -45.32 54.98 0.38
CA ILE B 92 -45.18 54.11 -0.77
C ILE B 92 -44.14 53.04 -0.48
N GLU B 93 -44.38 51.82 -0.96
CA GLU B 93 -43.38 50.77 -0.85
C GLU B 93 -42.89 50.37 -2.23
N VAL B 94 -41.58 50.42 -2.43
CA VAL B 94 -41.00 50.06 -3.71
C VAL B 94 -40.02 48.91 -3.54
N GLU B 95 -40.36 47.75 -4.09
CA GLU B 95 -39.50 46.60 -4.02
C GLU B 95 -38.56 46.59 -5.22
N ILE B 96 -37.27 46.39 -4.97
CA ILE B 96 -36.28 46.28 -6.02
C ILE B 96 -36.04 44.80 -6.35
N LEU B 97 -36.54 44.38 -7.51
CA LEU B 97 -36.42 43.00 -7.95
C LEU B 97 -35.00 42.66 -8.41
N ASP B 98 -34.55 41.44 -8.11
CA ASP B 98 -33.23 41.00 -8.51
C ASP B 98 -33.23 40.41 -9.91
N ILE B 99 -32.24 40.79 -10.71
CA ILE B 99 -32.02 40.14 -12.00
C ILE B 99 -30.69 39.39 -11.93
N ASN B 100 -30.51 38.45 -12.85
CA ASN B 100 -29.30 37.63 -12.89
C ASN B 100 -28.20 38.32 -13.68
N ASP B 101 -27.72 39.44 -13.18
CA ASP B 101 -26.71 40.22 -13.89
C ASP B 101 -25.31 39.99 -13.33
N ASN B 102 -25.15 38.92 -12.57
CA ASN B 102 -23.84 38.55 -12.04
C ASN B 102 -23.55 37.07 -12.26
N SER B 103 -22.31 36.75 -12.57
CA SER B 103 -21.89 35.37 -12.75
C SER B 103 -21.15 34.88 -11.51
N PRO B 104 -21.21 33.57 -11.25
CA PRO B 104 -20.38 32.99 -10.18
C PRO B 104 -18.91 33.30 -10.42
N ARG B 105 -18.21 33.73 -9.37
CA ARG B 105 -16.83 34.16 -9.51
C ARG B 105 -15.96 33.60 -8.39
N PHE B 106 -14.90 32.89 -8.74
CA PHE B 106 -13.95 32.42 -7.74
C PHE B 106 -12.95 33.52 -7.37
N PRO B 107 -12.55 33.55 -6.10
CA PRO B 107 -11.55 34.52 -5.61
C PRO B 107 -10.20 34.39 -6.32
N ARG B 108 -9.80 33.17 -6.66
CA ARG B 108 -8.57 32.96 -7.42
C ARG B 108 -8.88 32.22 -8.72
N PRO B 109 -8.13 32.53 -9.78
CA PRO B 109 -8.24 31.74 -11.01
C PRO B 109 -7.53 30.39 -10.93
N ASP B 110 -6.41 30.31 -10.21
CA ASP B 110 -5.61 29.09 -10.11
C ASP B 110 -5.47 28.57 -8.69
N TYR B 111 -5.82 27.31 -8.47
CA TYR B 111 -5.67 26.67 -7.17
C TYR B 111 -4.69 25.51 -7.26
N GLN B 112 -3.86 25.35 -6.24
CA GLN B 112 -2.85 24.31 -6.22
C GLN B 112 -3.05 23.36 -5.04
N LEU B 113 -3.08 22.06 -5.34
CA LEU B 113 -3.30 21.04 -4.31
C LEU B 113 -2.23 19.94 -4.35
N GLN B 114 -1.62 19.67 -3.21
CA GLN B 114 -0.69 18.55 -3.09
C GLN B 114 -1.32 17.41 -2.30
N VAL B 115 -1.47 16.25 -2.95
CA VAL B 115 -2.07 15.09 -2.30
C VAL B 115 -1.16 13.87 -2.40
N SER B 116 -0.89 13.25 -1.25
CA SER B 116 -0.01 12.08 -1.22
C SER B 116 -0.63 10.87 -1.90
N GLU B 117 0.23 10.05 -2.48
CA GLU B 117 -0.15 8.84 -3.19
C GLU B 117 -0.79 7.82 -2.24
N SER B 118 -0.44 7.93 -0.97
CA SER B 118 -0.94 7.03 0.06
C SER B 118 -2.38 7.33 0.48
N VAL B 119 -2.85 8.53 0.18
CA VAL B 119 -4.19 8.96 0.57
C VAL B 119 -5.27 8.00 0.06
N ALA B 120 -6.11 7.53 0.98
CA ALA B 120 -7.11 6.52 0.69
C ALA B 120 -8.40 7.15 0.18
N PRO B 121 -9.18 6.39 -0.62
CA PRO B 121 -10.44 6.89 -1.14
C PRO B 121 -11.41 7.32 -0.04
N GLY B 122 -12.24 8.31 -0.33
CA GLY B 122 -13.18 8.83 0.66
C GLY B 122 -12.60 10.00 1.44
N ALA B 123 -11.34 10.33 1.17
CA ALA B 123 -10.72 11.49 1.79
C ALA B 123 -11.31 12.76 1.20
N ARG B 124 -11.31 13.84 1.99
CA ARG B 124 -11.96 15.06 1.57
C ARG B 124 -11.05 16.27 1.72
N PHE B 125 -11.10 17.16 0.73
CA PHE B 125 -10.27 18.36 0.75
C PHE B 125 -11.13 19.61 0.57
N HIS B 126 -10.94 20.58 1.45
CA HIS B 126 -11.66 21.84 1.35
C HIS B 126 -11.20 22.61 0.12
N ILE B 127 -12.15 23.05 -0.69
CA ILE B 127 -11.86 23.91 -1.85
C ILE B 127 -12.74 25.15 -1.79
N GLU B 128 -12.18 26.29 -2.16
CA GLU B 128 -12.88 27.55 -2.00
C GLU B 128 -14.09 27.63 -2.93
N SER B 129 -15.23 28.03 -2.36
CA SER B 129 -16.47 28.17 -3.12
C SER B 129 -16.46 29.47 -3.90
N ALA B 130 -17.21 29.50 -5.00
CA ALA B 130 -17.38 30.73 -5.77
C ALA B 130 -18.45 31.62 -5.14
N GLN B 131 -18.47 32.89 -5.53
CA GLN B 131 -19.46 33.81 -5.00
C GLN B 131 -20.30 34.39 -6.12
N ASP B 132 -21.58 34.60 -5.83
CA ASP B 132 -22.49 35.24 -6.77
C ASP B 132 -23.35 36.22 -5.97
N PRO B 133 -23.12 37.53 -6.16
CA PRO B 133 -23.76 38.58 -5.35
C PRO B 133 -25.27 38.68 -5.53
N ASP B 134 -25.85 37.93 -6.47
CA ASP B 134 -27.30 37.91 -6.64
C ASP B 134 -27.95 37.12 -5.51
N VAL B 135 -29.28 37.03 -5.52
CA VAL B 135 -30.03 36.44 -4.42
C VAL B 135 -30.99 35.37 -4.96
N GLY B 136 -31.38 34.44 -4.09
CA GLY B 136 -32.32 33.40 -4.45
C GLY B 136 -31.74 32.45 -5.48
N ALA B 137 -32.55 32.07 -6.45
CA ALA B 137 -32.13 31.15 -7.49
C ALA B 137 -30.98 31.73 -8.31
N ASN B 138 -30.91 33.05 -8.38
CA ASN B 138 -29.88 33.72 -9.16
C ASN B 138 -28.46 33.59 -8.60
N SER B 139 -28.35 33.04 -7.39
CA SER B 139 -27.04 32.82 -6.77
C SER B 139 -26.51 31.43 -7.13
N VAL B 140 -25.31 31.10 -6.65
CA VAL B 140 -24.68 29.81 -6.94
C VAL B 140 -25.55 28.65 -6.43
N GLN B 141 -25.80 27.68 -7.30
CA GLN B 141 -26.66 26.56 -6.93
C GLN B 141 -25.94 25.22 -7.00
N THR B 142 -25.17 25.00 -8.06
CA THR B 142 -24.47 23.73 -8.25
C THR B 142 -23.01 23.92 -8.65
N TYR B 143 -22.21 22.88 -8.42
CA TYR B 143 -20.82 22.86 -8.89
C TYR B 143 -20.59 21.66 -9.79
N GLU B 144 -19.75 21.83 -10.80
CA GLU B 144 -19.40 20.73 -11.70
C GLU B 144 -17.90 20.61 -11.84
N LEU B 145 -17.44 19.37 -12.02
CA LEU B 145 -16.03 19.10 -12.16
C LEU B 145 -15.75 18.53 -13.55
N SER B 146 -14.59 18.82 -14.10
CA SER B 146 -14.17 18.24 -15.36
C SER B 146 -14.10 16.72 -15.19
N PRO B 147 -14.31 15.95 -16.27
CA PRO B 147 -14.35 14.49 -16.18
C PRO B 147 -13.12 13.91 -15.49
N SER B 148 -13.34 13.16 -14.41
CA SER B 148 -12.24 12.58 -13.65
C SER B 148 -12.60 11.23 -13.05
N GLU B 149 -11.69 10.28 -13.20
CA GLU B 149 -11.85 8.96 -12.60
C GLU B 149 -11.47 8.99 -11.13
N HIS B 150 -10.70 10.00 -10.74
CA HIS B 150 -10.14 10.07 -9.40
C HIS B 150 -10.88 11.00 -8.45
N PHE B 151 -11.52 12.02 -8.98
CA PHE B 151 -12.12 13.05 -8.14
C PHE B 151 -13.61 13.29 -8.41
N GLU B 152 -14.32 13.60 -7.33
CA GLU B 152 -15.73 13.97 -7.40
C GLU B 152 -16.02 15.08 -6.39
N LEU B 153 -17.14 15.78 -6.55
CA LEU B 153 -17.48 16.89 -5.67
C LEU B 153 -18.54 16.55 -4.64
N ASP B 154 -18.44 17.16 -3.46
CA ASP B 154 -19.51 17.13 -2.47
C ASP B 154 -19.84 18.53 -1.93
N LEU B 155 -21.09 18.96 -2.08
CA LEU B 155 -21.53 20.26 -1.58
C LEU B 155 -22.58 20.11 -0.51
N LYS B 156 -22.31 20.63 0.69
CA LYS B 156 -23.25 20.47 1.80
C LYS B 156 -23.63 21.82 2.39
N PRO B 157 -24.96 22.04 2.53
CA PRO B 157 -25.54 23.25 3.12
C PRO B 157 -25.30 23.38 4.62
N LEU B 158 -25.00 24.60 5.07
CA LEU B 158 -24.73 24.85 6.47
C LEU B 158 -25.76 25.82 7.06
N SER B 162 -25.72 29.29 3.93
CA SER B 162 -24.28 29.11 3.74
C SER B 162 -23.93 27.71 3.25
N LYS B 163 -22.84 27.58 2.52
CA LYS B 163 -22.48 26.29 1.92
C LYS B 163 -20.98 26.01 2.01
N VAL B 164 -20.62 24.74 2.18
CA VAL B 164 -19.23 24.32 2.19
C VAL B 164 -18.90 23.41 1.00
N LEU B 165 -17.80 23.68 0.31
CA LEU B 165 -17.44 22.89 -0.86
C LEU B 165 -16.19 22.03 -0.61
N GLU B 166 -16.30 20.75 -0.95
CA GLU B 166 -15.18 19.82 -0.76
C GLU B 166 -14.90 18.92 -1.95
N LEU B 167 -13.63 18.72 -2.23
CA LEU B 167 -13.20 17.83 -3.30
C LEU B 167 -13.00 16.44 -2.70
N VAL B 168 -13.61 15.44 -3.33
CA VAL B 168 -13.61 14.10 -2.76
C VAL B 168 -12.84 13.10 -3.62
N LEU B 169 -11.94 12.35 -2.99
CA LEU B 169 -11.19 11.32 -3.67
C LEU B 169 -12.03 10.04 -3.78
N ARG B 170 -12.32 9.64 -5.01
CA ARG B 170 -13.19 8.51 -5.26
C ARG B 170 -12.38 7.27 -5.57
N LYS B 171 -11.19 7.46 -6.15
CA LYS B 171 -10.34 6.36 -6.53
C LYS B 171 -8.88 6.70 -6.22
N GLY B 172 -8.10 5.69 -5.84
CA GLY B 172 -6.73 5.89 -5.40
C GLY B 172 -5.82 6.52 -6.43
N LEU B 173 -4.86 7.31 -5.96
CA LEU B 173 -3.90 7.98 -6.83
C LEU B 173 -2.65 7.12 -7.01
N ASP B 174 -2.03 7.24 -8.17
CA ASP B 174 -0.79 6.52 -8.46
C ASP B 174 0.17 7.40 -9.24
N ARG B 175 1.19 7.90 -8.54
CA ARG B 175 2.17 8.82 -9.12
C ARG B 175 2.92 8.20 -10.30
N GLU B 176 3.13 6.89 -10.24
CA GLU B 176 3.83 6.19 -11.32
C GLU B 176 3.02 6.19 -12.62
N GLN B 177 1.70 6.22 -12.51
CA GLN B 177 0.84 6.39 -13.68
C GLN B 177 0.77 7.84 -14.11
N THR B 178 0.34 8.70 -13.19
CA THR B 178 0.26 10.15 -13.44
C THR B 178 0.57 10.91 -12.16
N ALA B 179 1.45 11.90 -12.25
CA ALA B 179 1.90 12.63 -11.08
C ALA B 179 1.17 13.96 -10.90
N LEU B 180 0.58 14.47 -11.97
CA LEU B 180 -0.12 15.75 -11.88
C LEU B 180 -1.47 15.71 -12.59
N HIS B 181 -2.53 16.04 -11.86
CA HIS B 181 -3.89 16.06 -12.39
C HIS B 181 -4.43 17.49 -12.56
N TYR B 182 -4.87 17.82 -13.77
CA TYR B 182 -5.45 19.12 -14.05
C TYR B 182 -6.98 19.07 -14.05
N LEU B 183 -7.60 19.84 -13.16
CA LEU B 183 -9.05 19.85 -13.05
C LEU B 183 -9.63 21.26 -13.22
N VAL B 184 -10.77 21.33 -13.90
CA VAL B 184 -11.51 22.60 -14.01
C VAL B 184 -12.81 22.52 -13.23
N LEU B 185 -13.00 23.47 -12.33
CA LEU B 185 -14.18 23.52 -11.48
C LEU B 185 -15.15 24.58 -11.96
N THR B 186 -16.41 24.19 -12.18
CA THR B 186 -17.41 25.10 -12.72
C THR B 186 -18.55 25.38 -11.74
N ALA B 187 -18.75 26.67 -11.43
CA ALA B 187 -19.86 27.08 -10.58
C ALA B 187 -21.00 27.64 -11.43
N VAL B 188 -22.22 27.19 -11.14
CA VAL B 188 -23.38 27.55 -11.95
C VAL B 188 -24.52 28.09 -11.08
N ASP B 189 -25.19 29.15 -11.52
CA ASP B 189 -26.35 29.65 -10.79
C ASP B 189 -27.64 29.01 -11.29
N GLY B 190 -28.75 29.33 -10.64
CA GLY B 190 -30.03 28.73 -10.98
C GLY B 190 -30.91 29.64 -11.82
N GLY B 191 -30.34 30.74 -12.29
CA GLY B 191 -31.05 31.63 -13.18
C GLY B 191 -31.24 30.96 -14.53
N ILE B 192 -32.20 31.45 -15.31
CA ILE B 192 -32.40 30.92 -16.66
C ILE B 192 -32.28 32.04 -17.70
N PRO B 193 -31.27 31.94 -18.58
CA PRO B 193 -30.25 30.89 -18.64
C PRO B 193 -29.19 30.99 -17.54
N ALA B 194 -28.59 29.85 -17.21
CA ALA B 194 -27.61 29.76 -16.13
C ALA B 194 -26.29 30.43 -16.51
N ARG B 195 -25.69 31.10 -15.53
CA ARG B 195 -24.40 31.77 -15.72
C ARG B 195 -23.29 31.05 -14.96
N SER B 196 -22.08 31.05 -15.52
CA SER B 196 -20.99 30.22 -15.00
C SER B 196 -19.72 30.97 -14.64
N GLY B 197 -18.90 30.33 -13.82
CA GLY B 197 -17.55 30.78 -13.49
C GLY B 197 -16.67 29.57 -13.29
N THR B 198 -15.40 29.66 -13.68
CA THR B 198 -14.51 28.50 -13.60
C THR B 198 -13.22 28.81 -12.87
N ALA B 199 -12.58 27.75 -12.37
CA ALA B 199 -11.25 27.85 -11.75
C ALA B 199 -10.44 26.61 -12.07
N GLN B 200 -9.12 26.78 -12.20
CA GLN B 200 -8.23 25.66 -12.48
C GLN B 200 -7.69 25.08 -11.18
N ILE B 201 -7.76 23.76 -11.06
CA ILE B 201 -7.16 23.07 -9.92
C ILE B 201 -6.06 22.11 -10.39
N ALA B 202 -4.84 22.34 -9.88
CA ALA B 202 -3.73 21.47 -10.20
C ALA B 202 -3.44 20.56 -9.03
N VAL B 203 -3.65 19.25 -9.22
CA VAL B 203 -3.43 18.29 -8.15
C VAL B 203 -2.11 17.56 -8.34
N ARG B 204 -1.17 17.82 -7.43
CA ARG B 204 0.16 17.25 -7.52
C ARG B 204 0.27 16.04 -6.59
N VAL B 205 0.63 14.88 -7.16
CA VAL B 205 0.72 13.65 -6.40
C VAL B 205 2.13 13.38 -5.90
N LEU B 206 2.31 13.42 -4.58
CA LEU B 206 3.61 13.20 -3.96
C LEU B 206 3.92 11.71 -3.88
N ASP B 207 5.21 11.36 -3.96
CA ASP B 207 5.63 9.97 -3.97
C ASP B 207 5.60 9.31 -2.60
N THR B 208 5.05 8.09 -2.56
CA THR B 208 5.21 7.21 -1.41
C THR B 208 6.00 5.99 -1.85
N ASN B 209 6.63 5.31 -0.89
CA ASN B 209 7.39 4.10 -1.21
C ASN B 209 6.48 2.88 -1.29
N ASP B 210 5.67 2.83 -2.34
CA ASP B 210 4.65 1.78 -2.47
C ASP B 210 5.01 0.73 -3.54
N ASN B 211 6.25 0.79 -4.03
CA ASN B 211 6.74 -0.20 -4.98
C ASN B 211 8.02 -0.88 -4.50
N SER B 212 8.04 -2.20 -4.60
CA SER B 212 9.24 -2.97 -4.25
C SER B 212 10.06 -3.28 -5.49
N PRO B 213 11.39 -3.35 -5.35
CA PRO B 213 12.31 -3.69 -6.44
C PRO B 213 11.91 -4.99 -7.13
N ALA B 214 12.11 -5.07 -8.44
CA ALA B 214 11.76 -6.28 -9.18
C ALA B 214 12.77 -6.55 -10.28
N PHE B 215 13.22 -7.80 -10.36
CA PHE B 215 14.12 -8.23 -11.43
C PHE B 215 13.33 -8.57 -12.68
N ASP B 216 13.95 -8.41 -13.85
CA ASP B 216 13.29 -8.73 -15.12
C ASP B 216 12.94 -10.22 -15.21
N GLN B 217 13.75 -11.05 -14.56
CA GLN B 217 13.50 -12.49 -14.56
C GLN B 217 13.46 -13.02 -13.13
N SER B 218 12.66 -14.06 -12.91
CA SER B 218 12.57 -14.70 -11.61
C SER B 218 13.84 -15.45 -11.29
N THR B 219 14.35 -16.17 -12.28
CA THR B 219 15.54 -16.98 -12.11
C THR B 219 16.50 -16.75 -13.28
N TYR B 220 17.79 -16.72 -12.99
CA TYR B 220 18.80 -16.56 -14.01
C TYR B 220 19.66 -17.81 -14.06
N ARG B 221 19.92 -18.32 -15.25
CA ARG B 221 20.76 -19.49 -15.41
C ARG B 221 22.02 -19.19 -16.21
N VAL B 222 23.15 -19.58 -15.65
CA VAL B 222 24.44 -19.32 -16.27
C VAL B 222 25.27 -20.60 -16.27
N GLN B 223 25.92 -20.87 -17.39
CA GLN B 223 26.84 -21.98 -17.49
C GLN B 223 28.25 -21.45 -17.27
N LEU B 224 28.90 -21.92 -16.23
CA LEU B 224 30.22 -21.41 -15.88
C LEU B 224 31.28 -22.52 -15.88
N ARG B 225 32.40 -22.26 -16.54
CA ARG B 225 33.50 -23.22 -16.58
C ARG B 225 34.21 -23.33 -15.24
N GLU B 226 34.64 -24.54 -14.91
CA GLU B 226 35.29 -24.80 -13.63
C GLU B 226 36.64 -24.09 -13.54
N ASP B 227 37.26 -23.86 -14.69
CA ASP B 227 38.57 -23.21 -14.76
C ASP B 227 38.46 -21.70 -14.97
N ALA B 228 37.27 -21.15 -14.71
CA ALA B 228 37.05 -19.72 -14.86
C ALA B 228 37.90 -18.87 -13.92
N PRO B 229 38.66 -17.92 -14.48
CA PRO B 229 39.54 -17.03 -13.72
C PRO B 229 38.74 -16.10 -12.80
N PRO B 230 39.37 -15.64 -11.71
CA PRO B 230 38.71 -14.66 -10.82
C PRO B 230 38.39 -13.37 -11.55
N GLY B 231 37.22 -12.79 -11.26
CA GLY B 231 36.78 -11.58 -11.93
C GLY B 231 35.91 -11.86 -13.14
N THR B 232 35.67 -13.14 -13.40
CA THR B 232 34.81 -13.53 -14.52
C THR B 232 33.36 -13.18 -14.23
N LEU B 233 32.69 -12.55 -15.19
CA LEU B 233 31.31 -12.13 -15.02
C LEU B 233 30.35 -13.31 -15.09
N VAL B 234 29.72 -13.63 -13.97
CA VAL B 234 28.72 -14.69 -13.95
C VAL B 234 27.45 -14.21 -14.63
N VAL B 235 26.91 -13.09 -14.12
CA VAL B 235 25.70 -12.52 -14.68
C VAL B 235 25.52 -11.08 -14.18
N LYS B 236 25.03 -10.21 -15.07
CA LYS B 236 24.69 -8.85 -14.68
C LYS B 236 23.20 -8.79 -14.41
N LEU B 237 22.85 -8.53 -13.16
CA LEU B 237 21.45 -8.51 -12.75
C LEU B 237 20.86 -7.11 -12.81
N ASN B 238 19.68 -6.99 -13.41
CA ASN B 238 19.00 -5.71 -13.50
C ASN B 238 17.66 -5.71 -12.75
N ALA B 239 17.60 -4.93 -11.68
CA ALA B 239 16.36 -4.74 -10.95
C ALA B 239 15.89 -3.31 -11.13
N SER B 240 14.57 -3.11 -11.07
CA SER B 240 14.02 -1.77 -11.27
C SER B 240 12.99 -1.42 -10.20
N ASP B 241 12.96 -0.15 -9.83
CA ASP B 241 11.99 0.36 -8.87
C ASP B 241 11.43 1.69 -9.36
N PRO B 242 10.13 1.71 -9.70
CA PRO B 242 9.48 2.87 -10.33
C PRO B 242 9.26 4.07 -9.40
N ASP B 243 9.54 3.91 -8.11
CA ASP B 243 9.35 5.02 -7.15
C ASP B 243 10.33 6.15 -7.40
N GLU B 244 10.16 7.25 -6.66
CA GLU B 244 10.90 8.48 -6.89
C GLU B 244 12.04 8.67 -5.88
N GLY B 245 13.19 9.11 -6.38
CA GLY B 245 14.34 9.41 -5.53
C GLY B 245 14.85 8.22 -4.74
N SER B 246 15.05 8.43 -3.45
CA SER B 246 15.58 7.40 -2.56
C SER B 246 14.69 6.16 -2.54
N ASN B 247 13.40 6.35 -2.76
CA ASN B 247 12.45 5.26 -2.76
C ASN B 247 12.63 4.33 -3.96
N GLY B 248 13.25 4.84 -5.01
CA GLY B 248 13.47 4.05 -6.21
C GLY B 248 14.93 3.69 -6.41
N GLU B 249 15.73 3.87 -5.36
CA GLU B 249 17.17 3.63 -5.45
C GLU B 249 17.53 2.26 -4.91
N LEU B 250 18.26 1.47 -5.70
CA LEU B 250 18.49 0.08 -5.37
C LEU B 250 19.93 -0.19 -4.96
N ARG B 251 20.09 -1.09 -4.00
CA ARG B 251 21.40 -1.62 -3.65
C ARG B 251 21.35 -3.14 -3.64
N TYR B 252 22.30 -3.77 -4.33
CA TYR B 252 22.32 -5.22 -4.47
C TYR B 252 23.12 -5.92 -3.38
N SER B 253 22.67 -7.11 -3.01
CA SER B 253 23.37 -7.93 -2.02
C SER B 253 23.02 -9.41 -2.17
N LEU B 254 23.91 -10.27 -1.69
CA LEU B 254 23.65 -11.70 -1.66
C LEU B 254 22.77 -12.04 -0.47
N SER B 255 21.80 -12.93 -0.69
CA SER B 255 20.86 -13.30 0.37
C SER B 255 21.59 -13.90 1.57
N SER B 256 21.02 -13.68 2.74
CA SER B 256 21.61 -14.16 3.99
C SER B 256 21.68 -15.69 4.02
N TYR B 257 20.85 -16.34 3.20
CA TYR B 257 20.82 -17.80 3.14
C TYR B 257 22.03 -18.40 2.43
N THR B 258 22.78 -17.58 1.69
CA THR B 258 23.94 -18.09 0.97
C THR B 258 25.03 -18.58 1.93
N SER B 259 25.64 -19.71 1.57
CA SER B 259 26.65 -20.35 2.43
C SER B 259 27.98 -19.60 2.45
N ASP B 260 28.79 -19.88 3.46
CA ASP B 260 30.10 -19.23 3.61
C ASP B 260 30.99 -19.54 2.41
N ARG B 261 30.90 -20.76 1.91
CA ARG B 261 31.70 -21.19 0.76
C ARG B 261 31.31 -20.40 -0.49
N GLU B 262 30.00 -20.23 -0.69
CA GLU B 262 29.48 -19.49 -1.84
C GLU B 262 29.86 -18.01 -1.78
N ARG B 263 29.88 -17.45 -0.58
CA ARG B 263 30.31 -16.07 -0.40
C ARG B 263 31.77 -15.90 -0.77
N GLN B 264 32.56 -16.94 -0.51
CA GLN B 264 33.95 -16.97 -0.90
C GLN B 264 34.09 -17.09 -2.41
N LEU B 265 33.25 -17.90 -3.02
CA LEU B 265 33.31 -18.15 -4.46
C LEU B 265 32.74 -16.99 -5.29
N PHE B 266 31.66 -16.38 -4.81
CA PHE B 266 30.97 -15.36 -5.60
C PHE B 266 30.86 -14.03 -4.87
N SER B 267 30.94 -12.95 -5.64
CA SER B 267 30.79 -11.61 -5.09
C SER B 267 29.85 -10.78 -5.96
N ILE B 268 29.18 -9.84 -5.34
CA ILE B 268 28.27 -8.97 -6.06
C ILE B 268 28.63 -7.51 -5.82
N ASP B 269 28.53 -6.70 -6.87
CA ASP B 269 28.79 -5.27 -6.73
C ASP B 269 27.50 -4.62 -6.26
N VAL B 270 27.58 -3.84 -5.20
CA VAL B 270 26.41 -3.30 -4.52
C VAL B 270 25.58 -2.37 -5.41
N THR B 271 26.26 -1.54 -6.21
CA THR B 271 25.59 -0.56 -7.05
C THR B 271 25.19 -1.11 -8.42
N THR B 272 26.12 -1.80 -9.08
CA THR B 272 25.87 -2.27 -10.45
C THR B 272 25.09 -3.58 -10.48
N GLY B 273 25.29 -4.42 -9.47
CA GLY B 273 24.58 -5.69 -9.39
C GLY B 273 25.19 -6.77 -10.26
N GLU B 274 26.47 -6.62 -10.56
CA GLU B 274 27.20 -7.61 -11.35
C GLU B 274 27.76 -8.70 -10.46
N VAL B 275 27.30 -9.94 -10.70
CA VAL B 275 27.83 -11.10 -9.99
C VAL B 275 29.08 -11.64 -10.69
N ARG B 276 30.19 -11.71 -9.96
CA ARG B 276 31.45 -12.17 -10.54
C ARG B 276 32.08 -13.30 -9.72
N VAL B 277 33.02 -14.01 -10.34
CA VAL B 277 33.74 -15.09 -9.68
C VAL B 277 34.82 -14.51 -8.76
N SER B 278 34.84 -14.95 -7.51
CA SER B 278 35.85 -14.51 -6.57
C SER B 278 36.95 -15.57 -6.39
N GLY B 279 36.53 -16.79 -6.07
CA GLY B 279 37.48 -17.85 -5.78
C GLY B 279 37.42 -18.98 -6.80
N THR B 280 38.42 -19.86 -6.76
CA THR B 280 38.51 -20.95 -7.72
C THR B 280 37.37 -21.96 -7.54
N LEU B 281 36.89 -22.51 -8.65
CA LEU B 281 35.75 -23.42 -8.65
C LEU B 281 36.18 -24.85 -8.93
N ASP B 282 35.49 -25.81 -8.30
CA ASP B 282 35.82 -27.22 -8.48
C ASP B 282 34.56 -28.03 -8.75
N TYR B 283 34.50 -28.62 -9.95
CA TYR B 283 33.35 -29.42 -10.37
C TYR B 283 33.14 -30.62 -9.46
N GLU B 284 34.25 -31.14 -8.91
CA GLU B 284 34.19 -32.25 -7.97
C GLU B 284 33.51 -31.80 -6.67
N GLU B 285 33.78 -30.56 -6.26
CA GLU B 285 33.15 -30.01 -5.06
C GLU B 285 31.65 -29.79 -5.28
N SER B 286 31.31 -29.16 -6.40
CA SER B 286 29.91 -28.91 -6.73
C SER B 286 29.68 -28.81 -8.23
N SER B 287 28.68 -29.54 -8.71
CA SER B 287 28.27 -29.48 -10.11
C SER B 287 27.47 -28.21 -10.38
N SER B 288 26.81 -27.68 -9.34
CA SER B 288 25.91 -26.54 -9.52
C SER B 288 25.79 -25.69 -8.25
N TYR B 289 25.35 -24.44 -8.43
CA TYR B 289 25.10 -23.53 -7.32
C TYR B 289 23.75 -22.79 -7.44
N GLN B 290 23.15 -22.52 -6.28
CA GLN B 290 21.93 -21.72 -6.24
C GLN B 290 22.20 -20.43 -5.46
N ILE B 291 22.31 -19.33 -6.17
CA ILE B 291 22.63 -18.05 -5.54
C ILE B 291 21.41 -17.14 -5.48
N TYR B 292 21.06 -16.73 -4.28
CA TYR B 292 19.90 -15.87 -4.08
C TYR B 292 20.34 -14.43 -3.91
N VAL B 293 19.81 -13.55 -4.76
CA VAL B 293 20.18 -12.15 -4.77
C VAL B 293 18.99 -11.26 -4.46
N GLN B 294 19.20 -10.24 -3.65
CA GLN B 294 18.14 -9.29 -3.35
C GLN B 294 18.54 -7.85 -3.67
N ALA B 295 17.55 -7.04 -4.02
CA ALA B 295 17.73 -5.62 -4.27
C ALA B 295 16.87 -4.83 -3.29
N THR B 296 17.44 -3.81 -2.67
CA THR B 296 16.75 -3.12 -1.57
C THR B 296 16.58 -1.61 -1.83
N ASP B 297 15.46 -1.06 -1.37
CA ASP B 297 15.19 0.37 -1.42
C ASP B 297 16.10 1.17 -0.50
N ARG B 298 16.17 2.47 -0.75
CA ARG B 298 16.77 3.39 0.20
C ARG B 298 15.68 4.27 0.83
N GLY B 299 14.44 3.78 0.77
CA GLY B 299 13.31 4.45 1.37
C GLY B 299 13.32 4.37 2.88
N PRO B 300 12.37 5.05 3.54
CA PRO B 300 12.28 5.10 5.01
C PRO B 300 12.16 3.72 5.63
N VAL B 301 11.23 2.92 5.12
CA VAL B 301 11.18 1.50 5.41
C VAL B 301 11.56 0.77 4.14
N PRO B 302 12.83 0.35 4.04
CA PRO B 302 13.34 -0.23 2.80
C PRO B 302 12.58 -1.47 2.35
N MET B 303 12.31 -1.56 1.06
CA MET B 303 11.59 -2.68 0.50
C MET B 303 12.49 -3.42 -0.47
N ALA B 304 12.32 -4.73 -0.55
CA ALA B 304 13.26 -5.57 -1.29
C ALA B 304 12.59 -6.46 -2.33
N GLY B 305 13.37 -6.84 -3.33
CA GLY B 305 12.94 -7.80 -4.33
C GLY B 305 13.96 -8.91 -4.38
N HIS B 306 13.56 -10.07 -4.86
CA HIS B 306 14.44 -11.23 -4.82
C HIS B 306 14.45 -11.98 -6.15
N CYS B 307 15.57 -12.67 -6.41
CA CYS B 307 15.68 -13.52 -7.58
C CYS B 307 16.69 -14.63 -7.32
N LYS B 308 16.70 -15.61 -8.21
CA LYS B 308 17.54 -16.79 -8.04
C LYS B 308 18.52 -16.93 -9.19
N VAL B 309 19.79 -17.13 -8.87
CA VAL B 309 20.81 -17.41 -9.89
C VAL B 309 21.25 -18.86 -9.81
N LEU B 310 21.05 -19.59 -10.89
CA LEU B 310 21.45 -21.00 -10.94
C LEU B 310 22.69 -21.18 -11.81
N VAL B 311 23.79 -21.56 -11.17
CA VAL B 311 25.07 -21.70 -11.86
C VAL B 311 25.38 -23.16 -12.17
N ASP B 312 25.44 -23.48 -13.46
CA ASP B 312 25.79 -24.83 -13.90
C ASP B 312 27.28 -24.92 -14.22
N ILE B 313 28.04 -25.56 -13.34
CA ILE B 313 29.46 -25.72 -13.54
C ILE B 313 29.77 -26.73 -14.63
N ILE B 314 30.62 -26.34 -15.58
CA ILE B 314 31.04 -27.21 -16.67
C ILE B 314 32.42 -27.80 -16.40
N ASP B 315 32.53 -29.11 -16.52
CA ASP B 315 33.80 -29.80 -16.28
C ASP B 315 34.85 -29.41 -17.32
N VAL B 316 36.09 -29.31 -16.89
CA VAL B 316 37.19 -28.93 -17.77
C VAL B 316 38.21 -30.05 -17.90
N ASN B 317 38.61 -30.34 -19.14
CA ASN B 317 39.56 -31.41 -19.45
C ASN B 317 39.08 -32.77 -18.93
C1 MAN C . -0.08 -7.52 -1.42
C2 MAN C . -1.57 -7.77 -1.67
C3 MAN C . -1.81 -9.27 -1.90
C4 MAN C . -0.87 -9.83 -2.96
C5 MAN C . 0.58 -9.55 -2.55
C6 MAN C . 1.60 -10.00 -3.58
O2 MAN C . -2.02 -7.12 -2.85
O3 MAN C . -3.17 -9.54 -2.25
O4 MAN C . -1.06 -11.23 -3.08
O5 MAN C . 0.76 -8.12 -2.36
O6 MAN C . 2.86 -9.43 -3.26
C1 MAN D . 8.78 -10.19 0.58
C2 MAN D . 9.76 -9.14 1.15
C3 MAN D . 9.24 -7.73 0.89
C4 MAN D . 8.89 -7.54 -0.58
C5 MAN D . 7.85 -8.59 -1.00
C6 MAN D . 7.46 -8.51 -2.47
O2 MAN D . 11.03 -9.20 0.50
O3 MAN D . 10.18 -6.74 1.30
O4 MAN D . 8.35 -6.23 -0.80
O5 MAN D . 8.41 -9.91 -0.76
O6 MAN D . 8.50 -9.12 -3.23
C1 NAG E . 36.13 -47.38 -11.76
C2 NAG E . 36.04 -48.26 -13.02
C3 NAG E . 37.28 -48.07 -13.88
C4 NAG E . 37.52 -46.61 -14.18
C5 NAG E . 37.58 -45.82 -12.87
C6 NAG E . 37.71 -44.32 -13.09
C7 NAG E . 34.81 -50.38 -13.12
C8 NAG E . 34.78 -51.81 -12.67
N2 NAG E . 35.85 -49.66 -12.67
O3 NAG E . 37.12 -48.79 -15.11
O4 NAG E . 38.76 -46.45 -14.89
O5 NAG E . 36.37 -46.02 -12.13
O6 NAG E . 36.85 -43.87 -14.12
O7 NAG E . 33.97 -49.90 -13.86
CA CA F . -2.94 6.11 10.83
CA CA G . -5.23 2.71 10.16
CA CA H . -3.62 -2.79 7.10
CA CA I . 24.88 -43.81 3.28
CA CA J . 20.53 -38.88 3.15
CA CA K . 16.96 -39.52 0.67
C1 MAN L . -22.01 28.52 -17.78
C2 MAN L . -23.27 27.64 -17.87
C3 MAN L . -22.90 26.18 -17.69
C4 MAN L . -21.79 25.78 -18.67
C5 MAN L . -20.57 26.68 -18.45
C6 MAN L . -19.44 26.40 -19.41
O2 MAN L . -23.87 27.73 -19.16
O3 MAN L . -24.03 25.32 -17.85
O4 MAN L . -21.42 24.42 -18.45
O5 MAN L . -20.96 28.07 -18.62
O6 MAN L . -18.82 25.19 -19.02
C1 MAN M . -12.12 28.54 -15.95
C2 MAN M . -11.52 29.93 -16.24
C3 MAN M . -12.00 30.45 -17.60
C4 MAN M . -11.80 29.39 -18.70
C5 MAN M . -12.45 28.05 -18.29
C6 MAN M . -12.16 26.94 -19.28
O2 MAN M . -10.10 29.88 -16.33
O3 MAN M . -11.36 31.65 -17.96
O4 MAN M . -12.38 29.83 -19.91
O5 MAN M . -11.93 27.63 -17.01
O6 MAN M . -12.35 25.70 -18.62
CA CA N . 10.56 1.50 -3.81
CA CA O . 5.46 5.61 -5.43
CA CA P . 1.93 3.58 -7.04
CA CA Q . -26.00 35.21 -10.66
CA CA R . -28.55 41.08 -9.45
CA CA S . -26.97 44.68 -10.18
#